data_5Y6L
#
_entry.id   5Y6L
#
_cell.length_a   84.535
_cell.length_b   98.413
_cell.length_c   125.919
_cell.angle_alpha   90.00
_cell.angle_beta   90.00
_cell.angle_gamma   90.00
#
_symmetry.space_group_name_H-M   'P 21 21 21'
#
loop_
_entity.id
_entity.type
_entity.pdbx_description
1 polymer 'Methionine--tRNA ligase, cytoplasmic'
2 polymer 'Eukaryotic translation elongation factor 1 epsilon-1'
3 polymer 'Bifunctional glutamate/proline--tRNA ligase'
4 polymer 'Aminoacyl tRNA synthase complex-interacting multifunctional protein 2'
5 polymer 'Aspartate--tRNA ligase, cytoplasmic'
6 non-polymer 'PHOSPHATE ION'
7 water water
#
loop_
_entity_poly.entity_id
_entity_poly.type
_entity_poly.pdbx_seq_one_letter_code
_entity_poly.pdbx_strand_id
1 'polypeptide(L)'
;MRLFVSDGVPGCLPVLAAAGRARGRAEVLISTVGPEDCVVPFLTRPKVPVLQLDSGNYLFSTSAICRYFFLLSGWEQDDL
TNQWLEWEATELQPALSAALYYLVVQGKKGEDVLGSVRRALTHIDHSLSRQNCPFLAGETESLADIVLWGALYPLLQDPA
YLPEELSALHRWFQTLSTQEPCQRAAETVLKQQGVLALRPYLQKQPQPSPAEGRAVTNEPEEEELEHHHHHH
;
A
2 'polypeptide(L)'
;MRGSHHHHHHGSMAAAAELSLLEKSLGLSKGNKYSAQGERQIPVLQTNNGPSLTGLTTIAAHLVKQANKEYLLGSTAEEK
AIVQQWLEYRVTQVDGHSSKNDIHTLLKDLNSYLEDKVYLTGYNFTLADILLYYGLHRFIVDLTVQEKEKYLNVSRWFSH
IQHYPGIRQHLSSVVFIKNRLYTNSH
;
B
3 'polypeptide(L)'
;MATLSLTVNSGDPPLGALLAVEHVKDDVSISVEEGKENILHVSENVIFTDVNSILRYLARVATTAGLYGSNLMEHTEIDH
WLEFSATKLSSSDSFTSTINELNHSLSLRTYLVGNSLSLADLSVWATLKGNAAWQEQLKQKKAPVHVKRWFGFLEAQQAF
QSVGTKWDVSTTKAR
;
C
4 'polypeptide(L)'
;MTNIIQADEPTTLTTNALDLNSVLGKDYGALKDIVINANPASPPLSLLVLHRLLCEHFRVLSTVHTHSSVKSVPENLLKC
FGEQNKKQPRQDYQLGFTLIWKNVPKTQMKFSIQTMCPIEGEGNIARFLFSLFGQKHNAVNATLIDSWVDIAIFQLKEGS
SKEKAAVFRSMNSALGKSPWLAGNELTVADVVLWSVLQQIGGCSVTVPANVQRWMRSCENLAPFNTALKLLKLEHHHHHH
;
D
5 'polypeptide(L)'
;MGSSHHHHHHSSGLVPRGSHMPSASASRKSQEKPREIMDAAEDYAKERYGISSMIQSQEKPDRVLVRVRDLTIQKADEVV
WVRARVHTSRAKGKQCFLVLRQQQFNVQALVAVGDHASKQMVKFAANINKESIVDVEGVVRKVNQKIGSCTQQDVELHVQ
KIYVISLAEPRLPLQLDDAVRPEAEGEEEGRATVNQDTRLDNRVIDLRTSTSQAVFRLQSGICHLFRETLINKGFVEIQT
PKIISAASEGGANVFTVSYFKNNAYLAQSPQLYKQMCICADFEKVFSIGPVFRAEDSNTHRHLTEFVGLDIEMAFNYHYH
EVMEEIADTMVQIFKGLQERFQTEIQTVNKQFPCEPFKFLEPTLRLEYCEALAMLREAGVEMGDEDDLSTPNEKLLGHLV
KEKYDTDFYILDKYPLAVRPFYTMPDPRNPKQSNSYDMFMRGEEILSGAQRIHDPQLLTERALHHGIDLEKIKAYIDSFR
FGAPPHAGGGIGLERVTMLFLGLHNVRQTSMFPRDPKRLTP
;
E
#
# COMPACT_ATOMS: atom_id res chain seq x y z
N MET A 1 -20.01 -16.60 -14.25
CA MET A 1 -18.63 -16.87 -14.67
C MET A 1 -18.60 -17.37 -16.07
N ARG A 2 -17.42 -17.23 -16.68
CA ARG A 2 -17.26 -17.35 -18.13
C ARG A 2 -15.94 -18.03 -18.40
N LEU A 3 -15.99 -19.25 -18.93
CA LEU A 3 -14.81 -20.01 -19.29
C LEU A 3 -14.45 -19.68 -20.73
N PHE A 4 -13.26 -19.12 -20.94
CA PHE A 4 -12.74 -18.81 -22.26
C PHE A 4 -11.85 -19.95 -22.70
N VAL A 5 -12.19 -20.60 -23.82
CA VAL A 5 -11.43 -21.73 -24.33
C VAL A 5 -11.21 -21.56 -25.82
N SER A 6 -10.25 -22.32 -26.34
CA SER A 6 -9.93 -22.32 -27.76
C SER A 6 -9.60 -23.74 -28.23
N ASP A 7 -10.04 -24.04 -29.44
CA ASP A 7 -9.59 -25.18 -30.22
C ASP A 7 -8.05 -25.28 -30.21
N GLY A 8 -7.51 -26.50 -30.21
CA GLY A 8 -6.10 -26.68 -30.49
C GLY A 8 -5.15 -26.04 -29.50
N VAL A 9 -5.55 -25.95 -28.23
CA VAL A 9 -4.67 -25.50 -27.17
C VAL A 9 -4.76 -26.56 -26.06
N PRO A 10 -3.64 -27.19 -25.70
CA PRO A 10 -3.73 -28.39 -24.83
C PRO A 10 -4.33 -28.12 -23.46
N GLY A 11 -4.13 -26.91 -22.92
CA GLY A 11 -4.64 -26.60 -21.60
C GLY A 11 -6.14 -26.81 -21.47
N CYS A 12 -6.87 -26.70 -22.58
CA CYS A 12 -8.33 -26.70 -22.54
C CYS A 12 -8.90 -28.07 -22.27
N LEU A 13 -8.10 -29.12 -22.47
CA LEU A 13 -8.56 -30.49 -22.25
C LEU A 13 -8.92 -30.79 -20.81
N PRO A 14 -8.07 -30.53 -19.80
CA PRO A 14 -8.49 -30.77 -18.41
C PRO A 14 -9.56 -29.82 -17.89
N VAL A 15 -9.64 -28.57 -18.35
CA VAL A 15 -10.63 -27.68 -17.76
C VAL A 15 -12.04 -28.02 -18.28
N LEU A 16 -12.16 -28.33 -19.58
CA LEU A 16 -13.47 -28.68 -20.12
C LEU A 16 -14.03 -29.94 -19.44
N ALA A 17 -13.17 -30.88 -19.06
CA ALA A 17 -13.64 -32.06 -18.34
C ALA A 17 -14.05 -31.70 -16.92
N ALA A 18 -13.25 -30.88 -16.24
CA ALA A 18 -13.61 -30.49 -14.88
C ALA A 18 -14.85 -29.60 -14.88
N ALA A 19 -15.00 -28.76 -15.92
CA ALA A 19 -16.12 -27.82 -16.01
C ALA A 19 -17.47 -28.52 -15.93
N GLY A 20 -17.55 -29.77 -16.42
CA GLY A 20 -18.73 -30.57 -16.16
C GLY A 20 -19.06 -30.70 -14.68
N ARG A 21 -18.04 -30.66 -13.81
CA ARG A 21 -18.36 -30.86 -12.41
C ARG A 21 -19.03 -29.63 -11.78
N ALA A 22 -19.16 -28.54 -12.53
CA ALA A 22 -19.81 -27.33 -12.05
C ALA A 22 -21.26 -27.22 -12.49
N ARG A 23 -21.76 -28.17 -13.29
CA ARG A 23 -23.18 -28.21 -13.57
C ARG A 23 -23.98 -28.39 -12.29
N GLY A 24 -25.10 -27.69 -12.21
CA GLY A 24 -25.92 -27.72 -11.02
C GLY A 24 -25.40 -26.90 -9.87
N ARG A 25 -24.22 -26.32 -9.99
CA ARG A 25 -23.63 -25.58 -8.87
C ARG A 25 -23.26 -24.16 -9.22
N ALA A 26 -23.45 -23.71 -10.47
CA ALA A 26 -22.98 -22.39 -10.88
C ALA A 26 -23.68 -21.95 -12.15
N GLU A 27 -23.74 -20.63 -12.35
CA GLU A 27 -24.08 -20.06 -13.66
C GLU A 27 -22.79 -19.93 -14.48
N VAL A 28 -22.71 -20.67 -15.59
CA VAL A 28 -21.46 -20.85 -16.33
C VAL A 28 -21.72 -20.65 -17.83
N LEU A 29 -20.95 -19.77 -18.45
CA LEU A 29 -20.89 -19.64 -19.90
C LEU A 29 -19.53 -20.13 -20.40
N ILE A 30 -19.53 -21.10 -21.31
CA ILE A 30 -18.31 -21.49 -22.02
C ILE A 30 -18.35 -20.85 -23.40
N SER A 31 -17.49 -19.87 -23.63
CA SER A 31 -17.42 -19.18 -24.91
C SER A 31 -16.08 -19.50 -25.59
N THR A 32 -16.15 -20.06 -26.78
CA THR A 32 -14.91 -20.30 -27.49
C THR A 32 -14.36 -18.96 -28.01
N VAL A 33 -13.04 -18.85 -28.05
CA VAL A 33 -12.38 -17.61 -28.40
C VAL A 33 -11.10 -17.93 -29.16
N GLY A 34 -10.44 -16.91 -29.68
CA GLY A 34 -9.36 -17.11 -30.62
C GLY A 34 -8.03 -17.35 -29.94
N PRO A 35 -7.21 -18.25 -30.53
CA PRO A 35 -6.01 -18.72 -29.81
C PRO A 35 -5.01 -17.63 -29.43
N GLU A 36 -5.14 -16.41 -29.95
CA GLU A 36 -4.23 -15.33 -29.56
C GLU A 36 -4.96 -14.08 -29.09
N ASP A 37 -6.26 -14.17 -28.78
CA ASP A 37 -7.00 -13.02 -28.25
C ASP A 37 -6.56 -12.68 -26.83
N CYS A 38 -6.47 -11.39 -26.54
CA CYS A 38 -6.17 -10.94 -25.18
C CYS A 38 -7.45 -10.89 -24.37
N VAL A 39 -7.46 -11.55 -23.21
CA VAL A 39 -8.65 -11.82 -22.44
C VAL A 39 -8.54 -11.25 -21.02
N VAL A 40 -7.45 -11.59 -20.32
CA VAL A 40 -7.19 -11.10 -18.96
C VAL A 40 -6.62 -9.67 -19.00
N PRO A 41 -7.30 -8.70 -18.36
CA PRO A 41 -6.85 -7.29 -18.49
C PRO A 41 -5.39 -7.05 -18.17
N PHE A 42 -4.83 -7.78 -17.21
CA PHE A 42 -3.53 -7.44 -16.62
C PHE A 42 -2.39 -8.31 -17.13
N LEU A 43 -2.61 -9.12 -18.16
CA LEU A 43 -1.55 -9.92 -18.75
C LEU A 43 -1.26 -9.39 -20.14
N THR A 44 0.03 -9.21 -20.44
CA THR A 44 0.42 -8.69 -21.75
C THR A 44 0.37 -9.77 -22.81
N ARG A 45 1.03 -10.91 -22.54
CA ARG A 45 0.99 -12.05 -23.45
C ARG A 45 -0.27 -12.85 -23.19
N PRO A 46 -1.11 -13.09 -24.20
CA PRO A 46 -2.45 -13.64 -23.94
C PRO A 46 -2.40 -15.12 -23.56
N LYS A 47 -3.39 -15.54 -22.78
CA LYS A 47 -3.41 -16.88 -22.20
C LYS A 47 -4.75 -17.55 -22.46
N VAL A 48 -4.71 -18.86 -22.64
CA VAL A 48 -5.92 -19.66 -22.84
C VAL A 48 -5.64 -21.04 -22.29
N PRO A 49 -6.58 -21.63 -21.51
CA PRO A 49 -7.92 -21.19 -21.11
C PRO A 49 -7.92 -20.20 -19.96
N VAL A 50 -9.02 -19.48 -19.78
CA VAL A 50 -9.14 -18.43 -18.78
C VAL A 50 -10.54 -18.50 -18.18
N LEU A 51 -10.63 -18.33 -16.87
CA LEU A 51 -11.91 -18.34 -16.19
C LEU A 51 -12.07 -17.00 -15.48
N GLN A 52 -13.04 -16.20 -15.93
CA GLN A 52 -13.44 -14.99 -15.25
C GLN A 52 -14.49 -15.38 -14.22
N LEU A 53 -14.18 -15.19 -12.94
CA LEU A 53 -15.09 -15.58 -11.87
C LEU A 53 -16.25 -14.58 -11.70
N ASP A 54 -17.25 -15.01 -10.91
CA ASP A 54 -18.45 -14.21 -10.67
C ASP A 54 -18.13 -12.86 -10.05
N SER A 55 -16.91 -12.68 -9.55
CA SER A 55 -16.52 -11.45 -8.88
C SER A 55 -15.67 -10.54 -9.75
N GLY A 56 -15.41 -10.92 -11.00
CA GLY A 56 -14.61 -10.10 -11.87
C GLY A 56 -13.13 -10.36 -11.79
N ASN A 57 -12.71 -11.27 -10.92
CA ASN A 57 -11.34 -11.73 -10.90
C ASN A 57 -11.13 -12.85 -11.91
N TYR A 58 -9.86 -13.11 -12.27
CA TYR A 58 -9.55 -14.07 -13.33
C TYR A 58 -8.65 -15.21 -12.88
N LEU A 59 -8.92 -16.40 -13.39
CA LEU A 59 -8.00 -17.54 -13.30
C LEU A 59 -7.41 -17.76 -14.69
N PHE A 60 -6.08 -17.74 -14.77
CA PHE A 60 -5.34 -18.01 -16.01
C PHE A 60 -4.46 -19.24 -15.92
N SER A 61 -4.45 -19.92 -14.78
CA SER A 61 -3.77 -21.18 -14.64
C SER A 61 -4.77 -22.30 -14.89
N THR A 62 -4.47 -23.18 -15.86
CA THR A 62 -5.35 -24.33 -16.12
C THR A 62 -5.55 -25.17 -14.86
N SER A 63 -4.48 -25.39 -14.10
CA SER A 63 -4.60 -26.19 -12.89
C SER A 63 -5.40 -25.47 -11.81
N ALA A 64 -5.30 -24.15 -11.72
CA ALA A 64 -6.11 -23.45 -10.72
C ALA A 64 -7.54 -23.32 -11.15
N ILE A 65 -7.79 -23.24 -12.47
CA ILE A 65 -9.14 -23.34 -12.99
C ILE A 65 -9.78 -24.66 -12.57
N CYS A 66 -9.14 -25.79 -12.90
CA CYS A 66 -9.71 -27.09 -12.56
C CYS A 66 -9.99 -27.20 -11.06
N ARG A 67 -9.08 -26.67 -10.24
CA ARG A 67 -9.27 -26.70 -8.80
C ARG A 67 -10.56 -25.97 -8.40
N TYR A 68 -10.89 -24.88 -9.10
CA TYR A 68 -12.10 -24.14 -8.75
C TYR A 68 -13.34 -24.95 -9.09
N PHE A 69 -13.35 -25.64 -10.22
CA PHE A 69 -14.52 -26.47 -10.53
C PHE A 69 -14.68 -27.61 -9.52
N PHE A 70 -13.58 -28.18 -9.05
CA PHE A 70 -13.68 -29.24 -8.04
C PHE A 70 -14.12 -28.67 -6.71
N LEU A 71 -13.65 -27.47 -6.36
CA LEU A 71 -14.05 -26.88 -5.09
C LEU A 71 -15.55 -26.63 -5.07
N LEU A 72 -16.13 -26.26 -6.22
CA LEU A 72 -17.57 -25.98 -6.28
C LEU A 72 -18.36 -27.22 -5.95
N SER A 73 -17.86 -28.37 -6.34
CA SER A 73 -18.56 -29.63 -6.20
C SER A 73 -18.28 -30.32 -4.86
N GLY A 74 -17.72 -29.60 -3.90
CA GLY A 74 -17.51 -30.14 -2.57
C GLY A 74 -16.14 -30.73 -2.29
N TRP A 75 -15.30 -30.92 -3.31
CA TRP A 75 -13.95 -31.45 -3.11
C TRP A 75 -13.17 -30.61 -2.12
N GLU A 76 -12.29 -31.27 -1.36
CA GLU A 76 -11.55 -30.63 -0.29
C GLU A 76 -10.05 -30.81 -0.52
N GLN A 77 -9.31 -29.72 -0.48
CA GLN A 77 -7.87 -29.77 -0.63
C GLN A 77 -7.27 -30.76 0.38
N ASP A 78 -6.42 -31.65 -0.12
CA ASP A 78 -5.65 -32.57 0.69
C ASP A 78 -4.18 -32.43 0.31
N ASP A 79 -3.30 -32.83 1.23
CA ASP A 79 -1.87 -32.69 0.98
C ASP A 79 -1.43 -33.43 -0.28
N LEU A 80 -2.01 -34.61 -0.54
CA LEU A 80 -1.51 -35.44 -1.64
C LEU A 80 -1.93 -34.91 -3.01
N THR A 81 -3.14 -34.35 -3.13
CA THR A 81 -3.50 -33.68 -4.39
C THR A 81 -2.58 -32.51 -4.65
N ASN A 82 -2.30 -31.70 -3.63
CA ASN A 82 -1.41 -30.56 -3.81
C ASN A 82 -0.02 -31.02 -4.25
N GLN A 83 0.45 -32.14 -3.69
CA GLN A 83 1.74 -32.67 -4.10
C GLN A 83 1.76 -33.01 -5.58
N TRP A 84 0.71 -33.67 -6.06
CA TRP A 84 0.67 -34.06 -7.46
C TRP A 84 0.61 -32.84 -8.38
N LEU A 85 -0.23 -31.84 -8.04
CA LEU A 85 -0.36 -30.70 -8.94
C LEU A 85 0.91 -29.85 -8.96
N GLU A 86 1.63 -29.78 -7.84
CA GLU A 86 2.89 -29.04 -7.86
C GLU A 86 3.93 -29.75 -8.71
N TRP A 87 3.97 -31.09 -8.62
CA TRP A 87 4.84 -31.90 -9.47
C TRP A 87 4.52 -31.70 -10.94
N GLU A 88 3.23 -31.68 -11.28
CA GLU A 88 2.81 -31.44 -12.66
C GLU A 88 3.30 -30.09 -13.16
N ALA A 89 3.23 -29.05 -12.33
CA ALA A 89 3.60 -27.72 -12.80
C ALA A 89 5.10 -27.53 -12.92
N THR A 90 5.87 -28.13 -12.02
CA THR A 90 7.29 -27.84 -11.94
C THR A 90 8.17 -28.89 -12.59
N GLU A 91 7.77 -30.17 -12.52
CA GLU A 91 8.54 -31.31 -13.01
C GLU A 91 8.04 -31.85 -14.35
N LEU A 92 6.73 -32.03 -14.51
CA LEU A 92 6.19 -32.66 -15.71
C LEU A 92 6.02 -31.71 -16.89
N GLN A 93 5.41 -30.54 -16.68
CA GLN A 93 5.19 -29.57 -17.77
C GLN A 93 6.45 -29.22 -18.54
N PRO A 94 7.57 -28.80 -17.92
CA PRO A 94 8.74 -28.44 -18.74
C PRO A 94 9.22 -29.59 -19.61
N ALA A 95 9.16 -30.81 -19.08
CA ALA A 95 9.60 -32.01 -19.80
C ALA A 95 8.62 -32.37 -20.91
N LEU A 96 7.33 -32.31 -20.60
CA LEU A 96 6.28 -32.59 -21.57
C LEU A 96 6.22 -31.52 -22.65
N SER A 97 6.63 -30.30 -22.34
CA SER A 97 6.68 -29.24 -23.33
C SER A 97 7.89 -29.39 -24.24
N ALA A 98 9.04 -29.70 -23.65
CA ALA A 98 10.22 -30.01 -24.46
C ALA A 98 9.95 -31.17 -25.42
N ALA A 99 9.21 -32.19 -24.97
CA ALA A 99 8.97 -33.36 -25.81
C ALA A 99 8.02 -33.04 -26.96
N LEU A 100 6.87 -32.42 -26.67
CA LEU A 100 5.92 -32.07 -27.71
C LEU A 100 6.46 -31.06 -28.72
N TYR A 101 7.47 -30.27 -28.33
CA TYR A 101 8.09 -29.38 -29.31
C TYR A 101 8.91 -30.19 -30.30
N TYR A 102 9.83 -31.02 -29.78
CA TYR A 102 10.59 -31.95 -30.60
C TYR A 102 9.71 -32.75 -31.57
N LEU A 103 8.52 -33.15 -31.12
CA LEU A 103 7.66 -33.95 -31.99
C LEU A 103 6.94 -33.10 -33.03
N VAL A 104 6.09 -32.16 -32.59
CA VAL A 104 5.12 -31.51 -33.48
C VAL A 104 5.71 -30.40 -34.34
N VAL A 105 6.97 -30.02 -34.13
CA VAL A 105 7.48 -28.89 -34.91
C VAL A 105 8.91 -29.13 -35.37
N GLN A 106 9.66 -29.98 -34.67
CA GLN A 106 10.95 -30.40 -35.19
C GLN A 106 10.91 -31.75 -35.89
N GLY A 107 9.72 -32.35 -36.04
CA GLY A 107 9.56 -33.62 -36.73
C GLY A 107 10.45 -34.75 -36.24
N LYS A 108 10.82 -34.75 -34.97
CA LYS A 108 11.59 -35.87 -34.43
C LYS A 108 10.62 -36.94 -33.90
N LYS A 109 11.11 -38.18 -33.83
CA LYS A 109 10.27 -39.27 -33.33
C LYS A 109 11.11 -40.22 -32.50
N GLY A 110 10.43 -41.15 -31.83
CA GLY A 110 11.14 -42.14 -31.04
C GLY A 110 11.73 -41.55 -29.78
N GLU A 111 12.82 -42.16 -29.31
CA GLU A 111 13.42 -41.71 -28.05
C GLU A 111 13.85 -40.26 -28.12
N ASP A 112 13.95 -39.70 -29.31
CA ASP A 112 14.25 -38.28 -29.46
C ASP A 112 13.24 -37.43 -28.70
N VAL A 113 12.00 -37.89 -28.62
CA VAL A 113 10.93 -37.16 -27.95
C VAL A 113 10.49 -37.85 -26.67
N LEU A 114 10.45 -39.19 -26.67
CA LEU A 114 10.06 -39.91 -25.46
C LEU A 114 11.16 -39.82 -24.38
N GLY A 115 12.41 -39.63 -24.79
CA GLY A 115 13.50 -39.61 -23.83
C GLY A 115 13.30 -38.54 -22.76
N SER A 116 12.84 -37.35 -23.18
CA SER A 116 12.64 -36.19 -22.31
C SER A 116 11.68 -36.45 -21.15
N VAL A 117 10.98 -37.58 -21.14
CA VAL A 117 9.76 -37.71 -20.37
C VAL A 117 9.71 -39.05 -19.66
N ARG A 118 10.53 -40.01 -20.11
CA ARG A 118 10.31 -41.39 -19.69
C ARG A 118 10.45 -41.58 -18.18
N ARG A 119 11.26 -40.74 -17.52
CA ARG A 119 11.38 -40.85 -16.06
C ARG A 119 10.09 -40.42 -15.36
N ALA A 120 9.43 -39.38 -15.90
CA ALA A 120 8.19 -38.87 -15.31
C ALA A 120 7.06 -39.87 -15.48
N LEU A 121 6.95 -40.48 -16.65
CA LEU A 121 5.94 -41.52 -16.81
C LEU A 121 6.25 -42.73 -15.94
N THR A 122 7.52 -43.03 -15.68
CA THR A 122 7.81 -44.11 -14.75
C THR A 122 7.32 -43.74 -13.35
N HIS A 123 7.49 -42.47 -12.97
CA HIS A 123 7.10 -42.03 -11.63
C HIS A 123 5.61 -42.23 -11.40
N ILE A 124 4.80 -41.93 -12.40
CA ILE A 124 3.36 -42.14 -12.25
C ILE A 124 3.05 -43.64 -12.17
N ASP A 125 3.73 -44.46 -12.98
CA ASP A 125 3.45 -45.89 -12.96
C ASP A 125 3.76 -46.49 -11.60
N HIS A 126 4.97 -46.24 -11.07
CA HIS A 126 5.31 -46.80 -9.76
C HIS A 126 4.36 -46.29 -8.69
N SER A 127 4.04 -45.00 -8.73
CA SER A 127 3.10 -44.44 -7.77
C SER A 127 1.77 -45.17 -7.84
N LEU A 128 1.28 -45.42 -9.04
CA LEU A 128 -0.02 -46.04 -9.19
C LEU A 128 0.01 -47.51 -8.77
N SER A 129 1.10 -48.22 -9.07
CA SER A 129 1.19 -49.64 -8.75
C SER A 129 1.59 -49.88 -7.29
N ARG A 130 2.57 -49.12 -6.78
CA ARG A 130 2.92 -49.23 -5.36
C ARG A 130 1.72 -48.91 -4.48
N GLN A 131 1.17 -47.69 -4.61
CA GLN A 131 -0.05 -47.36 -3.87
C GLN A 131 -1.18 -48.37 -4.14
N ASN A 132 -1.17 -49.02 -5.31
CA ASN A 132 -2.10 -50.08 -5.74
C ASN A 132 -3.58 -49.67 -5.71
N CYS A 133 -3.90 -48.36 -5.50
CA CYS A 133 -5.24 -47.87 -5.74
C CYS A 133 -5.41 -47.55 -7.23
N PRO A 134 -6.64 -47.59 -7.77
CA PRO A 134 -6.82 -47.45 -9.23
C PRO A 134 -6.51 -46.07 -9.78
N PHE A 135 -6.51 -45.03 -8.95
CA PHE A 135 -6.27 -43.65 -9.35
C PHE A 135 -5.22 -43.05 -8.43
N LEU A 136 -4.70 -41.89 -8.83
CA LEU A 136 -3.80 -41.15 -7.95
C LEU A 136 -4.49 -40.79 -6.64
N ALA A 137 -5.75 -40.39 -6.75
CA ALA A 137 -6.65 -40.19 -5.63
C ALA A 137 -6.97 -41.44 -4.83
N GLY A 138 -7.17 -42.55 -5.52
CA GLY A 138 -7.53 -43.77 -4.84
C GLY A 138 -8.86 -44.35 -5.24
N GLU A 139 -9.83 -44.28 -4.37
CA GLU A 139 -11.05 -45.00 -4.70
C GLU A 139 -11.64 -44.52 -6.04
N THR A 140 -11.74 -43.20 -6.23
CA THR A 140 -12.39 -42.57 -7.38
C THR A 140 -11.37 -41.71 -8.12
N GLU A 141 -11.80 -41.05 -9.19
CA GLU A 141 -10.92 -40.09 -9.85
C GLU A 141 -11.19 -38.68 -9.33
N SER A 142 -10.16 -37.84 -9.35
CA SER A 142 -10.41 -36.48 -8.90
C SER A 142 -9.42 -35.51 -9.55
N LEU A 143 -9.20 -34.37 -8.90
CA LEU A 143 -8.49 -33.26 -9.51
C LEU A 143 -7.16 -33.71 -10.07
N ALA A 144 -6.38 -34.45 -9.28
CA ALA A 144 -5.04 -34.87 -9.71
C ALA A 144 -5.12 -35.68 -10.99
N ASP A 145 -6.14 -36.53 -11.11
CA ASP A 145 -6.26 -37.37 -12.29
C ASP A 145 -6.58 -36.53 -13.51
N ILE A 146 -7.54 -35.61 -13.38
CA ILE A 146 -7.90 -34.75 -14.51
C ILE A 146 -6.70 -33.92 -14.96
N VAL A 147 -5.94 -33.37 -14.01
CA VAL A 147 -4.86 -32.46 -14.39
C VAL A 147 -3.76 -33.19 -15.16
N LEU A 148 -3.32 -34.35 -14.65
CA LEU A 148 -2.22 -35.09 -15.26
C LEU A 148 -2.68 -35.76 -16.55
N TRP A 149 -3.87 -36.38 -16.52
CA TRP A 149 -4.49 -36.84 -17.76
C TRP A 149 -4.55 -35.72 -18.79
N GLY A 150 -4.99 -34.53 -18.34
CA GLY A 150 -5.09 -33.40 -19.26
C GLY A 150 -3.76 -33.01 -19.83
N ALA A 151 -2.72 -32.96 -18.98
CA ALA A 151 -1.38 -32.58 -19.42
C ALA A 151 -0.81 -33.57 -20.42
N LEU A 152 -1.01 -34.88 -20.17
CA LEU A 152 -0.34 -35.95 -20.91
C LEU A 152 -1.04 -36.30 -22.22
N TYR A 153 -2.35 -36.10 -22.31
CA TYR A 153 -3.12 -36.52 -23.48
C TYR A 153 -2.49 -36.16 -24.83
N PRO A 154 -1.96 -34.96 -25.05
CA PRO A 154 -1.40 -34.67 -26.39
C PRO A 154 -0.38 -35.67 -26.85
N LEU A 155 0.44 -36.17 -25.91
CA LEU A 155 1.51 -37.12 -26.19
C LEU A 155 1.01 -38.56 -26.18
N LEU A 156 0.45 -39.02 -25.04
CA LEU A 156 0.07 -40.42 -24.88
C LEU A 156 -1.17 -40.81 -25.68
N GLN A 157 -1.78 -39.88 -26.37
CA GLN A 157 -2.88 -40.19 -27.23
C GLN A 157 -2.41 -41.14 -28.29
N ASP A 158 -1.15 -41.00 -28.66
CA ASP A 158 -0.45 -41.95 -29.50
C ASP A 158 0.06 -43.08 -28.63
N PRO A 159 -0.38 -44.33 -28.83
CA PRO A 159 0.10 -45.42 -27.97
C PRO A 159 1.59 -45.72 -28.10
N ALA A 160 2.22 -45.22 -29.16
CA ALA A 160 3.65 -45.43 -29.39
C ALA A 160 4.51 -44.66 -28.39
N TYR A 161 3.96 -43.64 -27.74
CA TYR A 161 4.68 -42.85 -26.76
C TYR A 161 4.28 -43.19 -25.34
N LEU A 162 3.37 -44.16 -25.19
CA LEU A 162 2.96 -44.77 -23.93
C LEU A 162 3.61 -46.15 -23.86
N PRO A 163 4.71 -46.33 -23.12
CA PRO A 163 5.43 -47.62 -23.13
C PRO A 163 4.63 -48.71 -22.42
N GLU A 164 4.45 -49.84 -23.11
CA GLU A 164 3.51 -50.84 -22.64
C GLU A 164 4.02 -51.54 -21.40
N GLU A 165 5.34 -51.55 -21.21
CA GLU A 165 5.93 -52.01 -19.95
C GLU A 165 5.29 -51.35 -18.74
N LEU A 166 4.99 -50.03 -18.84
CA LEU A 166 4.41 -49.23 -17.75
C LEU A 166 2.89 -49.46 -17.70
N SER A 167 2.52 -50.67 -17.28
CA SER A 167 1.17 -51.19 -17.51
C SER A 167 0.11 -50.52 -16.63
N ALA A 168 0.45 -50.08 -15.42
CA ALA A 168 -0.50 -49.34 -14.60
C ALA A 168 -0.77 -47.95 -15.18
N LEU A 169 0.27 -47.31 -15.71
CA LEU A 169 0.09 -46.03 -16.39
C LEU A 169 -0.78 -46.19 -17.62
N HIS A 170 -0.66 -47.32 -18.32
CA HIS A 170 -1.46 -47.54 -19.52
C HIS A 170 -2.92 -47.76 -19.16
N ARG A 171 -3.17 -48.68 -18.23
CA ARG A 171 -4.52 -48.88 -17.71
C ARG A 171 -5.13 -47.56 -17.22
N TRP A 172 -4.34 -46.75 -16.50
CA TRP A 172 -4.83 -45.46 -15.98
C TRP A 172 -5.27 -44.55 -17.11
N PHE A 173 -4.37 -44.27 -18.03
CA PHE A 173 -4.68 -43.32 -19.09
C PHE A 173 -5.83 -43.81 -19.94
N GLN A 174 -5.83 -45.10 -20.30
CA GLN A 174 -6.90 -45.59 -21.17
C GLN A 174 -8.26 -45.53 -20.49
N THR A 175 -8.29 -45.64 -19.16
CA THR A 175 -9.54 -45.63 -18.42
C THR A 175 -10.15 -44.23 -18.39
N LEU A 176 -9.32 -43.20 -18.18
CA LEU A 176 -9.80 -41.81 -18.17
C LEU A 176 -10.11 -41.29 -19.56
N SER A 177 -9.37 -41.75 -20.57
CA SER A 177 -9.73 -41.42 -21.95
C SER A 177 -11.07 -42.02 -22.35
N THR A 178 -11.56 -43.04 -21.62
CA THR A 178 -12.79 -43.74 -21.98
C THR A 178 -14.07 -43.09 -21.41
N GLN A 179 -13.95 -42.29 -20.35
CA GLN A 179 -15.10 -41.64 -19.74
C GLN A 179 -15.54 -40.40 -20.54
N GLU A 180 -16.83 -40.03 -20.38
CA GLU A 180 -17.48 -39.09 -21.32
C GLU A 180 -16.98 -37.67 -21.20
N PRO A 181 -16.85 -37.05 -20.00
CA PRO A 181 -16.30 -35.67 -19.94
C PRO A 181 -14.97 -35.52 -20.65
N CYS A 182 -14.11 -36.53 -20.49
CA CYS A 182 -12.76 -36.55 -21.05
C CYS A 182 -12.78 -36.83 -22.55
N GLN A 183 -13.64 -37.75 -23.00
CA GLN A 183 -13.75 -38.04 -24.44
C GLN A 183 -14.33 -36.86 -25.20
N ARG A 184 -15.39 -36.24 -24.67
CA ARG A 184 -16.04 -35.11 -25.33
C ARG A 184 -15.29 -33.79 -25.12
N ALA A 185 -14.32 -33.78 -24.20
CA ALA A 185 -13.36 -32.67 -24.16
C ALA A 185 -12.31 -32.84 -25.25
N ALA A 186 -11.84 -34.08 -25.48
CA ALA A 186 -10.82 -34.32 -26.49
C ALA A 186 -11.30 -33.96 -27.89
N GLU A 187 -12.58 -34.17 -28.18
CA GLU A 187 -13.08 -33.82 -29.51
C GLU A 187 -13.20 -32.32 -29.68
N THR A 188 -13.62 -31.61 -28.62
CA THR A 188 -13.71 -30.15 -28.69
C THR A 188 -12.34 -29.51 -28.93
N VAL A 189 -11.29 -30.06 -28.33
CA VAL A 189 -9.97 -29.47 -28.36
C VAL A 189 -9.16 -29.90 -29.58
N LEU A 190 -9.22 -31.19 -29.96
CA LEU A 190 -8.38 -31.74 -31.02
C LEU A 190 -9.10 -31.96 -32.36
N LYS A 191 -10.43 -31.87 -32.40
CA LYS A 191 -11.22 -32.08 -33.61
C LYS A 191 -10.94 -33.45 -34.25
N GLN A 192 -10.58 -34.44 -33.44
CA GLN A 192 -10.36 -35.83 -33.85
C GLN A 192 -9.17 -35.98 -34.80
N GLN A 193 -8.44 -34.90 -35.08
CA GLN A 193 -7.23 -34.95 -35.89
C GLN A 193 -5.94 -34.96 -35.05
N GLY A 194 -6.02 -35.35 -33.77
CA GLY A 194 -4.82 -35.72 -33.03
C GLY A 194 -3.86 -34.58 -32.75
N VAL A 195 -2.57 -34.84 -32.94
CA VAL A 195 -1.52 -34.00 -32.36
C VAL A 195 -1.08 -32.85 -33.26
N LEU A 196 -1.15 -33.01 -34.58
CA LEU A 196 -0.86 -31.89 -35.47
C LEU A 196 -1.94 -30.79 -35.39
N ALA A 197 -2.98 -30.98 -34.57
CA ALA A 197 -3.91 -29.91 -34.25
C ALA A 197 -3.35 -28.92 -33.24
N LEU A 198 -2.35 -29.34 -32.45
CA LEU A 198 -1.68 -28.48 -31.49
C LEU A 198 -0.39 -27.91 -32.03
N ARG A 199 -0.13 -28.19 -33.31
CA ARG A 199 0.96 -27.53 -34.01
C ARG A 199 0.81 -26.01 -34.09
N PRO A 200 -0.36 -25.39 -34.27
CA PRO A 200 -0.30 -23.93 -34.51
C PRO A 200 0.17 -23.21 -33.26
N TYR A 201 -0.26 -23.67 -32.08
CA TYR A 201 0.10 -23.07 -30.80
C TYR A 201 1.49 -23.50 -30.32
N LEU A 202 2.04 -24.60 -30.87
CA LEU A 202 3.37 -25.07 -30.49
C LEU A 202 4.47 -24.36 -31.27
N GLN A 203 4.21 -23.98 -32.53
CA GLN A 203 5.16 -23.14 -33.28
C GLN A 203 5.25 -21.74 -32.70
N LYS A 204 4.20 -21.25 -32.02
CA LYS A 204 4.18 -19.96 -31.34
C LYS A 204 4.93 -19.97 -29.99
N GLN A 205 5.26 -21.14 -29.44
CA GLN A 205 5.91 -21.31 -28.14
C GLN A 205 7.42 -21.19 -28.28
N PRO A 206 8.13 -20.80 -27.20
CA PRO A 206 9.59 -20.66 -27.30
C PRO A 206 10.28 -22.01 -27.49
N GLN A 207 11.35 -22.01 -28.30
CA GLN A 207 12.23 -23.19 -28.38
C GLN A 207 12.64 -23.62 -26.98
N PRO A 208 12.61 -24.94 -26.65
CA PRO A 208 13.21 -25.41 -25.40
C PRO A 208 14.49 -24.70 -24.98
N SER A 209 14.42 -24.04 -23.82
CA SER A 209 15.61 -23.79 -23.02
C SER A 209 16.15 -25.20 -22.69
N PRO A 210 17.45 -25.30 -22.35
CA PRO A 210 18.32 -26.34 -22.93
C PRO A 210 17.80 -27.78 -23.09
N ALA A 211 18.14 -28.36 -24.23
CA ALA A 211 18.27 -29.80 -24.34
C ALA A 211 19.50 -30.19 -23.52
N SER B 12 19.67 -14.95 -4.47
CA SER B 12 18.67 -16.03 -4.49
C SER B 12 18.22 -16.42 -3.07
N MET B 13 17.55 -17.59 -2.94
CA MET B 13 17.16 -18.18 -1.66
C MET B 13 16.71 -19.62 -1.87
N ALA B 14 17.16 -20.52 -0.98
CA ALA B 14 17.00 -21.96 -1.12
C ALA B 14 15.72 -22.44 -0.46
N ALA B 15 15.04 -23.39 -1.10
CA ALA B 15 13.68 -23.74 -0.69
C ALA B 15 13.63 -24.23 0.75
N ALA B 16 14.72 -24.84 1.23
CA ALA B 16 14.72 -25.33 2.61
C ALA B 16 14.86 -24.18 3.61
N ALA B 17 15.61 -23.14 3.25
CA ALA B 17 15.66 -21.94 4.09
C ALA B 17 14.31 -21.25 4.10
N GLU B 18 13.73 -21.04 2.91
CA GLU B 18 12.50 -20.29 2.78
C GLU B 18 11.41 -20.85 3.68
N LEU B 19 11.37 -22.16 3.87
CA LEU B 19 10.42 -22.74 4.80
C LEU B 19 10.82 -22.54 6.25
N SER B 20 12.10 -22.26 6.50
CA SER B 20 12.51 -21.87 7.85
C SER B 20 12.02 -20.48 8.17
N LEU B 21 12.06 -19.57 7.20
CA LEU B 21 11.38 -18.27 7.31
C LEU B 21 9.89 -18.44 7.55
N LEU B 22 9.22 -19.15 6.63
CA LEU B 22 7.77 -19.35 6.73
C LEU B 22 7.38 -19.99 8.05
N GLU B 23 8.18 -20.95 8.55
CA GLU B 23 7.91 -21.56 9.85
C GLU B 23 7.78 -20.51 10.94
N LYS B 24 8.63 -19.48 10.93
CA LYS B 24 8.54 -18.52 12.02
C LYS B 24 7.51 -17.42 11.80
N SER B 25 7.25 -17.01 10.56
CA SER B 25 6.12 -16.10 10.37
C SER B 25 4.82 -16.73 10.84
N LEU B 26 4.69 -18.05 10.70
CA LEU B 26 3.48 -18.73 11.15
C LEU B 26 3.47 -18.87 12.67
N GLY B 27 4.60 -18.65 13.33
CA GLY B 27 4.67 -18.82 14.77
C GLY B 27 4.88 -20.24 15.22
N LEU B 28 5.66 -21.02 14.48
CA LEU B 28 5.83 -22.45 14.74
C LEU B 28 7.14 -22.69 15.50
N SER B 29 7.05 -23.44 16.61
CA SER B 29 8.02 -23.32 17.70
C SER B 29 9.33 -24.06 17.39
N LYS B 30 9.26 -25.26 16.84
CA LYS B 30 10.49 -25.99 16.64
C LYS B 30 11.11 -26.11 15.28
N GLY B 31 10.35 -26.58 14.30
CA GLY B 31 10.87 -26.81 12.97
C GLY B 31 11.01 -28.29 12.68
N ASN B 32 10.96 -28.64 11.40
CA ASN B 32 11.00 -30.02 10.95
C ASN B 32 12.25 -30.50 10.24
N LYS B 33 12.27 -31.79 9.92
CA LYS B 33 13.39 -32.42 9.20
C LYS B 33 13.17 -32.28 7.69
N TYR B 34 14.04 -31.50 7.03
CA TYR B 34 13.95 -31.23 5.59
C TYR B 34 15.08 -31.93 4.84
N SER B 35 14.93 -32.00 3.50
CA SER B 35 15.93 -32.62 2.62
C SER B 35 15.95 -31.92 1.27
N ALA B 36 16.99 -32.20 0.49
CA ALA B 36 17.02 -31.85 -0.91
C ALA B 36 16.53 -33.03 -1.73
N GLN B 37 16.46 -32.85 -3.05
CA GLN B 37 15.88 -33.88 -3.92
C GLN B 37 16.26 -33.59 -5.36
N GLY B 38 16.94 -34.54 -6.01
CA GLY B 38 17.38 -34.31 -7.35
C GLY B 38 18.28 -33.09 -7.44
N GLU B 39 18.23 -32.44 -8.60
CA GLU B 39 19.10 -31.30 -8.90
C GLU B 39 18.62 -30.04 -8.17
N ARG B 40 17.48 -29.49 -8.57
CA ARG B 40 17.03 -28.19 -8.08
C ARG B 40 16.59 -28.21 -6.62
N GLN B 41 16.96 -29.27 -5.90
CA GLN B 41 16.82 -29.34 -4.45
C GLN B 41 15.39 -29.04 -3.99
N ILE B 42 14.43 -29.66 -4.67
CA ILE B 42 13.05 -29.59 -4.22
C ILE B 42 12.97 -30.12 -2.79
N PRO B 43 12.38 -29.38 -1.84
CA PRO B 43 12.44 -29.81 -0.43
C PRO B 43 11.44 -30.91 -0.10
N VAL B 44 11.84 -31.78 0.79
CA VAL B 44 11.01 -32.86 1.25
C VAL B 44 10.87 -32.78 2.74
N LEU B 45 9.67 -32.93 3.24
CA LEU B 45 9.44 -32.95 4.67
C LEU B 45 8.99 -34.32 5.07
N GLN B 46 9.66 -34.91 6.04
CA GLN B 46 9.27 -36.21 6.50
C GLN B 46 8.31 -35.96 7.63
N THR B 47 7.10 -36.41 7.42
CA THR B 47 6.11 -36.54 8.48
C THR B 47 6.23 -37.95 9.03
N ASN B 48 6.63 -38.06 10.29
CA ASN B 48 6.32 -39.26 11.05
C ASN B 48 4.80 -39.32 11.18
N ASN B 49 4.28 -40.54 11.34
CA ASN B 49 2.84 -40.84 11.27
C ASN B 49 2.27 -40.68 9.86
N GLY B 50 3.14 -40.54 8.85
CA GLY B 50 2.71 -40.38 7.48
C GLY B 50 3.84 -40.58 6.48
N PRO B 51 3.60 -40.20 5.21
CA PRO B 51 4.66 -40.27 4.20
C PRO B 51 5.37 -38.93 4.00
N SER B 52 6.31 -38.90 3.07
CA SER B 52 7.02 -37.65 2.76
C SER B 52 6.12 -36.69 2.01
N LEU B 53 6.30 -35.40 2.28
CA LEU B 53 5.70 -34.33 1.49
C LEU B 53 6.78 -33.60 0.72
N THR B 54 6.48 -33.25 -0.54
CA THR B 54 7.49 -32.70 -1.44
C THR B 54 6.99 -31.46 -2.16
N GLY B 55 7.80 -30.41 -2.15
CA GLY B 55 7.54 -29.20 -2.92
C GLY B 55 7.34 -27.97 -2.07
N LEU B 56 7.75 -26.81 -2.58
CA LEU B 56 7.64 -25.59 -1.80
C LEU B 56 6.21 -25.33 -1.36
N THR B 57 5.29 -25.16 -2.31
CA THR B 57 3.94 -24.74 -1.98
C THR B 57 3.15 -25.84 -1.28
N THR B 58 3.49 -27.12 -1.49
CA THR B 58 2.78 -28.16 -0.76
C THR B 58 3.19 -28.20 0.71
N ILE B 59 4.52 -28.23 0.97
CA ILE B 59 4.99 -28.13 2.36
C ILE B 59 4.51 -26.84 2.98
N ALA B 60 4.63 -25.73 2.26
CA ALA B 60 4.16 -24.43 2.76
C ALA B 60 2.71 -24.53 3.22
N ALA B 61 1.82 -25.05 2.36
CA ALA B 61 0.41 -25.13 2.73
C ALA B 61 0.22 -26.04 3.91
N HIS B 62 1.05 -27.10 4.00
CA HIS B 62 0.96 -28.04 5.10
C HIS B 62 1.35 -27.40 6.42
N LEU B 63 2.43 -26.59 6.41
CA LEU B 63 2.81 -25.88 7.63
C LEU B 63 1.71 -24.91 8.07
N VAL B 64 0.95 -24.37 7.12
CA VAL B 64 -0.11 -23.45 7.49
C VAL B 64 -1.21 -24.16 8.26
N LYS B 65 -1.63 -25.34 7.79
CA LYS B 65 -2.61 -26.13 8.53
C LYS B 65 -2.10 -26.50 9.92
N GLN B 66 -0.86 -27.02 10.02
CA GLN B 66 -0.24 -27.34 11.31
C GLN B 66 -0.38 -26.18 12.30
N ALA B 67 -0.01 -24.96 11.87
CA ALA B 67 -0.03 -23.74 12.70
C ALA B 67 -1.42 -23.22 13.00
N ASN B 68 -2.48 -23.91 12.59
CA ASN B 68 -3.87 -23.48 12.78
C ASN B 68 -4.12 -22.05 12.27
N LYS B 69 -3.64 -21.79 11.05
CA LYS B 69 -3.88 -20.54 10.34
C LYS B 69 -4.41 -20.84 8.93
N GLU B 70 -5.30 -21.83 8.80
CA GLU B 70 -5.79 -22.23 7.48
C GLU B 70 -6.62 -21.16 6.81
N TYR B 71 -6.93 -20.05 7.49
CA TYR B 71 -7.54 -18.92 6.80
C TYR B 71 -6.61 -18.33 5.75
N LEU B 72 -5.30 -18.51 5.94
CA LEU B 72 -4.30 -18.03 5.01
C LEU B 72 -4.30 -18.79 3.70
N LEU B 73 -4.97 -19.92 3.62
CA LEU B 73 -5.04 -20.62 2.35
C LEU B 73 -6.24 -20.16 1.52
N GLY B 74 -7.05 -19.27 2.04
CA GLY B 74 -8.29 -18.88 1.40
C GLY B 74 -9.50 -19.30 2.22
N SER B 75 -10.58 -18.50 2.11
CA SER B 75 -11.78 -18.66 2.93
C SER B 75 -13.02 -18.99 2.10
N THR B 76 -13.41 -18.14 1.15
CA THR B 76 -14.37 -18.60 0.14
C THR B 76 -13.71 -19.64 -0.79
N ALA B 77 -14.54 -20.26 -1.65
CA ALA B 77 -14.02 -21.17 -2.68
C ALA B 77 -13.28 -20.40 -3.76
N GLU B 78 -13.74 -19.22 -4.10
CA GLU B 78 -13.01 -18.36 -5.01
C GLU B 78 -11.67 -17.99 -4.50
N GLU B 79 -11.59 -17.66 -3.23
CA GLU B 79 -10.34 -17.31 -2.63
C GLU B 79 -9.36 -18.46 -2.63
N LYS B 80 -9.79 -19.64 -2.26
CA LYS B 80 -8.90 -20.80 -2.27
C LYS B 80 -8.25 -20.96 -3.63
N ALA B 81 -9.02 -20.73 -4.69
CA ALA B 81 -8.54 -20.99 -6.02
C ALA B 81 -7.56 -19.93 -6.49
N ILE B 82 -7.75 -18.68 -6.07
CA ILE B 82 -6.77 -17.73 -6.58
C ILE B 82 -5.51 -17.72 -5.70
N VAL B 83 -5.61 -18.11 -4.43
CA VAL B 83 -4.40 -18.26 -3.63
C VAL B 83 -3.47 -19.27 -4.28
N GLN B 84 -3.98 -20.47 -4.56
CA GLN B 84 -3.25 -21.49 -5.30
C GLN B 84 -2.80 -21.00 -6.67
N GLN B 85 -3.41 -19.97 -7.23
CA GLN B 85 -2.91 -19.51 -8.51
C GLN B 85 -1.61 -18.75 -8.34
N TRP B 86 -1.50 -17.89 -7.32
CA TRP B 86 -0.26 -17.16 -7.11
C TRP B 86 0.84 -18.01 -6.47
N LEU B 87 0.47 -19.08 -5.74
CA LEU B 87 1.48 -20.07 -5.37
C LEU B 87 2.11 -20.70 -6.59
N GLU B 88 1.32 -20.97 -7.64
CA GLU B 88 1.94 -21.67 -8.76
C GLU B 88 2.68 -20.69 -9.66
N TYR B 89 2.18 -19.45 -9.77
CA TYR B 89 2.92 -18.35 -10.38
C TYR B 89 4.29 -18.19 -9.74
N ARG B 90 4.35 -18.33 -8.40
CA ARG B 90 5.60 -18.12 -7.67
C ARG B 90 6.67 -19.11 -8.10
N VAL B 91 6.32 -20.40 -8.14
CA VAL B 91 7.29 -21.45 -8.44
C VAL B 91 7.51 -21.71 -9.92
N THR B 92 6.65 -21.18 -10.80
CA THR B 92 6.82 -21.34 -12.23
C THR B 92 7.23 -20.06 -12.95
N GLN B 93 6.67 -18.92 -12.58
CA GLN B 93 7.04 -17.71 -13.29
C GLN B 93 8.20 -16.98 -12.62
N VAL B 94 8.29 -17.06 -11.30
CA VAL B 94 9.29 -16.29 -10.59
C VAL B 94 10.56 -17.09 -10.36
N ASP B 95 10.40 -18.38 -10.08
CA ASP B 95 11.54 -19.24 -9.78
C ASP B 95 12.19 -19.74 -11.07
N GLY B 96 13.53 -19.63 -11.13
CA GLY B 96 14.30 -20.01 -12.29
C GLY B 96 14.40 -18.93 -13.35
N HIS B 97 14.26 -17.67 -12.95
CA HIS B 97 14.34 -16.55 -13.85
C HIS B 97 15.10 -15.41 -13.28
N SER B 98 15.88 -14.72 -14.10
CA SER B 98 16.57 -13.54 -13.62
C SER B 98 16.91 -12.49 -14.65
N SER B 99 16.50 -12.69 -15.89
CA SER B 99 16.77 -11.75 -16.97
C SER B 99 15.93 -10.49 -16.86
N LYS B 100 16.56 -9.33 -17.10
CA LYS B 100 15.83 -8.07 -17.09
C LYS B 100 14.58 -8.16 -17.98
N ASN B 101 14.67 -8.90 -19.08
CA ASN B 101 13.47 -9.18 -19.88
C ASN B 101 12.39 -9.84 -19.04
N ASP B 102 12.73 -10.96 -18.40
CA ASP B 102 11.73 -11.80 -17.74
C ASP B 102 11.12 -11.08 -16.54
N ILE B 103 11.96 -10.51 -15.68
CA ILE B 103 11.47 -9.86 -14.46
C ILE B 103 10.55 -8.70 -14.80
N HIS B 104 11.00 -7.81 -15.69
CA HIS B 104 10.19 -6.64 -16.02
C HIS B 104 8.87 -7.01 -16.70
N THR B 105 8.74 -8.22 -17.24
CA THR B 105 7.43 -8.67 -17.71
C THR B 105 6.55 -8.98 -16.52
N LEU B 106 7.11 -9.66 -15.52
CA LEU B 106 6.37 -10.03 -14.31
C LEU B 106 5.88 -8.78 -13.59
N LEU B 107 6.77 -7.83 -13.37
CA LEU B 107 6.38 -6.70 -12.54
C LEU B 107 5.36 -5.84 -13.27
N LYS B 108 5.41 -5.74 -14.60
CA LYS B 108 4.39 -4.98 -15.31
C LYS B 108 3.04 -5.65 -15.17
N ASP B 109 3.00 -6.98 -15.25
CA ASP B 109 1.73 -7.68 -15.17
C ASP B 109 1.20 -7.70 -13.74
N LEU B 110 2.09 -7.90 -12.78
CA LEU B 110 1.73 -7.84 -11.37
C LEU B 110 1.38 -6.42 -10.96
N ASN B 111 2.08 -5.41 -11.52
CA ASN B 111 1.69 -4.03 -11.28
C ASN B 111 0.26 -3.78 -11.75
N SER B 112 -0.06 -4.18 -12.98
CA SER B 112 -1.43 -4.01 -13.47
C SER B 112 -2.43 -4.71 -12.55
N TYR B 113 -2.11 -5.93 -12.11
CA TYR B 113 -3.05 -6.76 -11.38
C TYR B 113 -3.34 -6.24 -9.97
N LEU B 114 -2.40 -5.52 -9.35
CA LEU B 114 -2.58 -5.06 -7.99
C LEU B 114 -3.26 -3.69 -7.90
N GLU B 115 -3.55 -3.06 -9.03
CA GLU B 115 -3.98 -1.67 -9.01
C GLU B 115 -5.22 -1.47 -8.16
N ASP B 116 -6.08 -2.49 -8.08
CA ASP B 116 -7.32 -2.44 -7.31
C ASP B 116 -7.32 -3.37 -6.11
N LYS B 117 -6.14 -3.78 -5.66
CA LYS B 117 -6.02 -4.74 -4.55
C LYS B 117 -5.04 -4.25 -3.51
N VAL B 118 -5.20 -4.76 -2.28
CA VAL B 118 -4.19 -4.59 -1.25
C VAL B 118 -3.36 -5.85 -1.08
N TYR B 119 -4.02 -6.99 -1.14
CA TYR B 119 -3.38 -8.29 -1.07
C TYR B 119 -3.68 -9.01 -2.37
N LEU B 120 -3.03 -10.15 -2.58
CA LEU B 120 -3.16 -10.85 -3.85
C LEU B 120 -4.59 -11.29 -4.13
N THR B 121 -5.28 -11.76 -3.11
CA THR B 121 -6.67 -12.15 -3.22
C THR B 121 -7.62 -10.98 -3.35
N GLY B 122 -7.33 -9.93 -2.60
CA GLY B 122 -8.16 -8.75 -2.57
C GLY B 122 -7.91 -7.93 -1.34
N TYR B 123 -8.68 -8.17 -0.29
CA TYR B 123 -8.54 -7.45 0.96
C TYR B 123 -8.13 -8.29 2.15
N ASN B 124 -7.72 -9.53 1.90
CA ASN B 124 -7.34 -10.49 2.94
C ASN B 124 -5.91 -10.95 2.71
N PHE B 125 -5.03 -10.65 3.66
CA PHE B 125 -3.70 -11.23 3.66
C PHE B 125 -3.79 -12.76 3.61
N THR B 126 -2.93 -13.38 2.79
CA THR B 126 -2.89 -14.85 2.67
C THR B 126 -1.48 -15.34 2.42
N LEU B 127 -1.36 -16.66 2.29
CA LEU B 127 -0.07 -17.32 2.07
C LEU B 127 0.56 -16.90 0.76
N ALA B 128 -0.28 -16.58 -0.24
CA ALA B 128 0.26 -16.09 -1.51
C ALA B 128 1.07 -14.82 -1.31
N ASP B 129 0.55 -13.90 -0.48
CA ASP B 129 1.25 -12.66 -0.18
C ASP B 129 2.60 -12.88 0.48
N ILE B 130 2.73 -13.94 1.28
CA ILE B 130 4.01 -14.25 1.94
C ILE B 130 4.99 -14.81 0.94
N LEU B 131 4.59 -15.89 0.23
CA LEU B 131 5.53 -16.57 -0.66
C LEU B 131 5.88 -15.74 -1.89
N LEU B 132 4.96 -14.89 -2.36
CA LEU B 132 5.33 -13.98 -3.44
C LEU B 132 6.22 -12.86 -2.92
N TYR B 133 6.04 -12.47 -1.65
CA TYR B 133 6.97 -11.55 -1.01
C TYR B 133 8.37 -12.13 -0.96
N TYR B 134 8.51 -13.33 -0.40
CA TYR B 134 9.82 -13.96 -0.32
C TYR B 134 10.45 -14.15 -1.71
N GLY B 135 9.66 -14.62 -2.69
CA GLY B 135 10.20 -14.86 -4.02
C GLY B 135 10.74 -13.61 -4.70
N LEU B 136 10.08 -12.47 -4.50
CA LEU B 136 10.41 -11.26 -5.23
C LEU B 136 11.42 -10.39 -4.53
N HIS B 137 11.74 -10.69 -3.27
CA HIS B 137 12.57 -9.80 -2.46
C HIS B 137 13.87 -9.45 -3.20
N ARG B 138 14.53 -10.46 -3.78
CA ARG B 138 15.82 -10.24 -4.42
C ARG B 138 15.74 -9.38 -5.68
N PHE B 139 14.57 -9.28 -6.32
CA PHE B 139 14.44 -8.34 -7.42
C PHE B 139 14.12 -6.91 -6.97
N ILE B 140 13.37 -6.77 -5.88
CA ILE B 140 12.92 -5.43 -5.50
C ILE B 140 14.06 -4.66 -4.83
N VAL B 141 14.97 -5.38 -4.15
CA VAL B 141 16.11 -4.70 -3.54
C VAL B 141 16.90 -4.00 -4.62
N ASP B 142 16.87 -4.54 -5.84
CA ASP B 142 17.70 -4.09 -6.95
C ASP B 142 17.04 -3.03 -7.83
N LEU B 143 15.74 -2.78 -7.69
CA LEU B 143 15.12 -1.78 -8.55
C LEU B 143 15.60 -0.39 -8.17
N THR B 144 15.68 0.48 -9.17
CA THR B 144 15.98 1.88 -8.90
C THR B 144 14.75 2.59 -8.37
N VAL B 145 14.96 3.82 -7.89
CA VAL B 145 13.83 4.62 -7.46
C VAL B 145 12.84 4.77 -8.62
N GLN B 146 13.36 5.04 -9.83
CA GLN B 146 12.43 5.26 -10.94
C GLN B 146 11.63 4.00 -11.24
N GLU B 147 12.27 2.83 -11.16
CA GLU B 147 11.53 1.59 -11.42
C GLU B 147 10.50 1.31 -10.33
N LYS B 148 10.85 1.51 -9.05
CA LYS B 148 9.87 1.29 -8.01
C LYS B 148 8.64 2.16 -8.23
N GLU B 149 8.81 3.29 -8.90
CA GLU B 149 7.66 4.10 -9.24
C GLU B 149 7.01 3.65 -10.54
N LYS B 150 7.77 3.11 -11.49
CA LYS B 150 7.15 2.48 -12.65
C LYS B 150 6.19 1.40 -12.20
N TYR B 151 6.69 0.46 -11.40
CA TYR B 151 5.86 -0.57 -10.79
C TYR B 151 5.40 -0.11 -9.40
N LEU B 152 4.61 0.99 -9.41
CA LEU B 152 4.28 1.66 -8.14
C LEU B 152 3.31 0.83 -7.30
N ASN B 153 2.39 0.10 -7.92
CA ASN B 153 1.50 -0.75 -7.12
C ASN B 153 2.27 -1.90 -6.49
N VAL B 154 3.22 -2.46 -7.24
CA VAL B 154 4.06 -3.51 -6.67
C VAL B 154 4.77 -2.99 -5.44
N SER B 155 5.30 -1.77 -5.51
CA SER B 155 6.00 -1.19 -4.37
C SER B 155 5.07 -0.99 -3.20
N ARG B 156 3.88 -0.44 -3.44
CA ARG B 156 2.89 -0.26 -2.37
C ARG B 156 2.60 -1.57 -1.66
N TRP B 157 2.25 -2.61 -2.43
CA TRP B 157 1.98 -3.94 -1.88
C TRP B 157 3.19 -4.51 -1.13
N PHE B 158 4.38 -4.38 -1.73
CA PHE B 158 5.61 -4.89 -1.13
C PHE B 158 5.91 -4.17 0.17
N SER B 159 5.89 -2.83 0.13
CA SER B 159 6.09 -2.03 1.32
C SER B 159 5.17 -2.49 2.45
N HIS B 160 3.89 -2.64 2.13
CA HIS B 160 2.93 -3.03 3.16
C HIS B 160 3.24 -4.39 3.72
N ILE B 161 3.54 -5.37 2.86
CA ILE B 161 3.83 -6.71 3.36
C ILE B 161 5.10 -6.68 4.23
N GLN B 162 6.15 -6.02 3.74
CA GLN B 162 7.44 -6.06 4.45
C GLN B 162 7.43 -5.33 5.79
N HIS B 163 6.35 -4.65 6.15
CA HIS B 163 6.38 -3.82 7.34
C HIS B 163 6.07 -4.60 8.62
N TYR B 164 5.49 -5.81 8.53
CA TYR B 164 5.41 -6.65 9.72
C TYR B 164 6.78 -7.25 10.03
N PRO B 165 7.21 -7.23 11.29
CA PRO B 165 8.42 -7.96 11.65
C PRO B 165 8.23 -9.47 11.57
N GLY B 166 6.97 -9.94 11.61
CA GLY B 166 6.69 -11.35 11.51
C GLY B 166 6.91 -11.93 10.14
N ILE B 167 6.62 -11.16 9.09
CA ILE B 167 6.84 -11.66 7.74
C ILE B 167 8.25 -11.37 7.28
N ARG B 168 8.77 -10.21 7.62
CA ARG B 168 10.08 -9.82 7.15
C ARG B 168 11.21 -10.62 7.69
N GLN B 169 11.16 -10.95 8.96
CA GLN B 169 12.24 -11.66 9.59
C GLN B 169 13.55 -10.90 9.47
N HIS B 170 14.60 -11.56 9.04
CA HIS B 170 15.90 -10.96 8.97
C HIS B 170 16.08 -10.25 7.68
N LEU B 171 15.11 -10.37 6.78
CA LEU B 171 15.32 -9.98 5.41
C LEU B 171 15.60 -8.51 5.38
N SER B 172 16.44 -8.06 4.46
CA SER B 172 16.68 -6.63 4.32
C SER B 172 15.40 -5.88 3.99
N SER B 173 15.17 -4.75 4.66
CA SER B 173 14.01 -3.94 4.33
C SER B 173 14.38 -3.02 3.18
N VAL B 174 13.41 -2.77 2.31
CA VAL B 174 13.63 -2.00 1.10
C VAL B 174 13.06 -0.61 1.34
N VAL B 175 13.88 0.41 1.08
CA VAL B 175 13.46 1.80 1.20
C VAL B 175 12.51 2.15 0.07
N PHE B 176 11.34 2.71 0.42
CA PHE B 176 10.37 3.20 -0.57
C PHE B 176 10.07 4.66 -0.29
N ILE B 177 10.31 5.51 -1.28
CA ILE B 177 9.85 6.90 -1.23
C ILE B 177 8.34 6.91 -1.29
N LYS B 178 7.70 7.70 -0.42
CA LYS B 178 6.24 7.75 -0.38
C LYS B 178 5.65 8.91 -1.19
N ASN B 179 6.46 9.83 -1.70
CA ASN B 179 6.00 10.85 -2.62
C ASN B 179 6.39 10.46 -4.04
N ARG B 180 5.64 10.97 -5.00
CA ARG B 180 5.96 10.65 -6.39
C ARG B 180 7.01 11.62 -6.95
N LEU B 181 8.02 11.07 -7.61
CA LEU B 181 9.09 11.86 -8.21
C LEU B 181 9.05 11.92 -9.73
N TYR B 182 8.19 11.17 -10.41
CA TYR B 182 8.35 11.04 -11.86
C TYR B 182 7.10 11.25 -12.71
N THR B 183 5.91 11.35 -12.15
CA THR B 183 4.73 11.38 -13.03
C THR B 183 3.56 12.03 -12.29
N ASN B 184 2.54 12.40 -13.08
CA ASN B 184 1.21 12.79 -12.61
C ASN B 184 0.16 11.98 -13.39
N ALA C 2 -13.87 5.82 31.29
CA ALA C 2 -14.84 4.97 31.96
C ALA C 2 -16.20 5.66 31.96
N THR C 3 -16.28 6.73 32.76
CA THR C 3 -17.35 7.72 32.67
C THR C 3 -17.00 8.81 31.64
N LEU C 4 -16.62 8.33 30.45
CA LEU C 4 -16.42 9.13 29.26
C LEU C 4 -17.52 8.77 28.29
N SER C 5 -18.28 9.77 27.84
CA SER C 5 -19.39 9.52 26.92
C SER C 5 -19.54 10.67 25.96
N LEU C 6 -20.07 10.32 24.78
CA LEU C 6 -20.16 11.21 23.62
C LEU C 6 -21.60 11.23 23.14
N THR C 7 -22.19 12.41 23.09
CA THR C 7 -23.51 12.58 22.51
C THR C 7 -23.36 13.03 21.06
N VAL C 8 -24.21 12.51 20.21
CA VAL C 8 -24.05 12.72 18.81
C VAL C 8 -25.35 13.25 18.29
N ASN C 9 -25.27 14.01 17.22
CA ASN C 9 -26.42 14.66 16.68
C ASN C 9 -27.06 13.68 15.77
N SER C 10 -28.10 13.01 16.23
CA SER C 10 -28.61 11.86 15.53
C SER C 10 -29.23 12.31 14.22
N GLY C 11 -29.54 13.58 14.11
CA GLY C 11 -30.08 14.00 12.84
C GLY C 11 -29.08 13.88 11.70
N ASP C 12 -27.86 14.34 11.94
CA ASP C 12 -26.74 14.10 11.05
C ASP C 12 -25.59 13.56 11.84
N PRO C 13 -25.44 12.18 11.80
CA PRO C 13 -24.50 11.64 12.77
C PRO C 13 -23.06 11.91 12.38
N PRO C 14 -22.13 12.06 13.33
CA PRO C 14 -20.78 12.33 12.87
C PRO C 14 -20.00 11.07 12.64
N LEU C 15 -20.14 10.60 11.43
CA LEU C 15 -19.68 9.27 11.02
C LEU C 15 -18.19 9.10 11.21
N GLY C 16 -17.42 10.21 11.16
CA GLY C 16 -16.03 10.23 11.54
C GLY C 16 -15.81 9.69 12.94
N ALA C 17 -16.40 10.35 13.94
CA ALA C 17 -16.12 10.00 15.33
C ALA C 17 -16.70 8.64 15.70
N LEU C 18 -17.78 8.22 15.06
CA LEU C 18 -18.35 6.91 15.40
C LEU C 18 -17.42 5.82 14.94
N LEU C 19 -16.74 6.04 13.81
CA LEU C 19 -15.64 5.17 13.42
C LEU C 19 -14.54 5.21 14.47
N ALA C 20 -14.18 6.40 14.92
CA ALA C 20 -13.16 6.48 15.96
C ALA C 20 -13.62 5.80 17.26
N VAL C 21 -14.90 5.95 17.61
CA VAL C 21 -15.42 5.38 18.86
C VAL C 21 -15.33 3.86 18.83
N GLU C 22 -15.54 3.26 17.67
CA GLU C 22 -15.46 1.81 17.58
C GLU C 22 -14.02 1.31 17.56
N HIS C 23 -13.07 2.13 17.13
CA HIS C 23 -11.67 1.72 17.10
C HIS C 23 -10.94 1.96 18.43
N VAL C 24 -11.53 2.68 19.37
CA VAL C 24 -10.94 2.80 20.71
C VAL C 24 -11.77 2.09 21.76
N LYS C 25 -12.89 1.44 21.37
CA LYS C 25 -13.87 0.97 22.35
C LYS C 25 -13.31 -0.09 23.31
N ASP C 26 -12.28 -0.85 22.93
CA ASP C 26 -11.66 -1.79 23.86
C ASP C 26 -10.29 -1.34 24.34
N ASP C 27 -9.99 -0.05 24.18
CA ASP C 27 -8.78 0.54 24.74
C ASP C 27 -9.09 1.57 25.81
N VAL C 28 -10.31 2.12 25.80
CA VAL C 28 -10.86 2.95 26.88
C VAL C 28 -12.36 2.70 26.89
N SER C 29 -13.00 2.97 28.02
CA SER C 29 -14.44 2.77 28.13
C SER C 29 -15.16 4.03 27.69
N ILE C 30 -16.14 3.86 26.80
CA ILE C 30 -16.86 4.99 26.22
C ILE C 30 -18.24 4.53 25.78
N SER C 31 -19.25 5.38 25.98
CA SER C 31 -20.60 5.11 25.51
C SER C 31 -21.10 6.33 24.75
N VAL C 32 -22.23 6.17 24.06
CA VAL C 32 -22.83 7.30 23.35
C VAL C 32 -24.31 7.38 23.69
N GLU C 33 -24.73 8.54 24.19
CA GLU C 33 -26.11 9.00 24.06
C GLU C 33 -26.27 9.66 22.68
N GLU C 34 -27.48 10.11 22.35
CA GLU C 34 -27.72 10.64 21.01
C GLU C 34 -28.84 11.67 21.04
N GLY C 35 -28.47 12.95 21.01
CA GLY C 35 -29.39 14.06 21.11
C GLY C 35 -29.26 15.02 19.94
N LYS C 36 -29.48 16.30 20.23
CA LYS C 36 -29.44 17.31 19.17
C LYS C 36 -28.02 17.69 18.79
N GLU C 37 -27.03 17.45 19.67
CA GLU C 37 -25.73 18.09 19.60
C GLU C 37 -24.59 17.07 19.61
N ASN C 38 -23.41 17.52 19.15
CA ASN C 38 -22.17 16.73 19.14
C ASN C 38 -21.31 17.15 20.33
N ILE C 39 -21.41 16.41 21.43
CA ILE C 39 -20.70 16.77 22.65
C ILE C 39 -19.91 15.56 23.15
N LEU C 40 -18.62 15.78 23.41
CA LEU C 40 -17.81 14.81 24.11
C LEU C 40 -17.66 15.28 25.55
N HIS C 41 -18.35 14.60 26.47
CA HIS C 41 -18.23 14.83 27.90
C HIS C 41 -17.07 13.98 28.43
N VAL C 42 -15.92 14.62 28.62
CA VAL C 42 -14.77 13.93 29.21
C VAL C 42 -14.81 13.99 30.73
N SER C 43 -15.42 15.03 31.29
CA SER C 43 -15.41 15.33 32.71
C SER C 43 -16.37 16.49 32.94
N GLU C 44 -16.63 16.79 34.22
CA GLU C 44 -17.33 18.02 34.57
C GLU C 44 -16.43 19.21 34.28
N ASN C 45 -16.97 20.15 33.54
CA ASN C 45 -16.27 21.37 33.15
C ASN C 45 -15.05 21.11 32.27
N VAL C 46 -15.12 20.08 31.43
CA VAL C 46 -14.34 20.03 30.18
C VAL C 46 -15.14 19.24 29.13
N ILE C 47 -15.46 19.87 27.98
CA ILE C 47 -16.08 19.17 26.85
C ILE C 47 -15.48 19.69 25.54
N PHE C 48 -15.67 18.90 24.47
CA PHE C 48 -15.24 19.23 23.11
C PHE C 48 -16.40 19.07 22.16
N THR C 49 -16.52 20.02 21.23
CA THR C 49 -17.75 20.20 20.47
C THR C 49 -17.61 19.97 18.97
N ASP C 50 -16.46 20.28 18.35
CA ASP C 50 -16.25 19.99 16.94
C ASP C 50 -15.66 18.59 16.73
N VAL C 51 -15.92 18.04 15.52
CA VAL C 51 -15.48 16.67 15.24
C VAL C 51 -13.97 16.54 15.34
N ASN C 52 -13.22 17.53 14.84
CA ASN C 52 -11.77 17.38 14.86
C ASN C 52 -11.24 17.28 16.29
N SER C 53 -11.86 17.96 17.25
CA SER C 53 -11.38 17.87 18.62
C SER C 53 -11.75 16.55 19.27
N ILE C 54 -12.99 16.09 19.06
CA ILE C 54 -13.36 14.79 19.59
C ILE C 54 -12.41 13.71 19.08
N LEU C 55 -12.04 13.77 17.79
CA LEU C 55 -11.11 12.79 17.23
C LEU C 55 -9.73 12.90 17.86
N ARG C 56 -9.21 14.12 17.96
CA ARG C 56 -7.88 14.29 18.53
C ARG C 56 -7.84 13.78 19.97
N TYR C 57 -8.89 14.02 20.74
CA TYR C 57 -8.87 13.59 22.13
C TYR C 57 -8.93 12.07 22.22
N LEU C 58 -9.93 11.44 21.60
CA LEU C 58 -10.04 10.00 21.61
C LEU C 58 -8.72 9.32 21.19
N ALA C 59 -7.98 9.94 20.28
CA ALA C 59 -6.76 9.32 19.81
C ALA C 59 -5.64 9.48 20.83
N ARG C 60 -5.68 10.55 21.61
CA ARG C 60 -4.68 10.72 22.65
C ARG C 60 -5.03 9.95 23.93
N VAL C 61 -6.28 9.54 24.14
CA VAL C 61 -6.50 8.75 25.34
C VAL C 61 -6.32 7.26 25.09
N ALA C 62 -6.79 6.73 23.96
CA ALA C 62 -6.57 5.32 23.67
C ALA C 62 -5.21 5.15 23.00
N THR C 63 -4.16 5.39 23.81
CA THR C 63 -2.77 5.17 23.40
C THR C 63 -2.59 3.88 22.63
N THR C 64 -3.12 2.79 23.19
CA THR C 64 -2.96 1.44 22.67
C THR C 64 -3.64 1.23 21.29
N ALA C 65 -4.22 2.25 20.65
CA ALA C 65 -4.78 2.12 19.31
C ALA C 65 -3.96 2.83 18.25
N GLY C 66 -3.09 3.76 18.65
CA GLY C 66 -2.17 4.37 17.70
C GLY C 66 -2.86 5.00 16.52
N LEU C 67 -3.99 5.68 16.76
CA LEU C 67 -4.68 6.41 15.71
C LEU C 67 -4.05 7.78 15.45
N TYR C 68 -3.03 8.17 16.20
CA TYR C 68 -2.39 9.46 16.01
C TYR C 68 -0.91 9.31 15.61
N GLY C 69 -0.48 8.12 15.18
CA GLY C 69 0.87 7.94 14.69
C GLY C 69 1.90 7.72 15.78
N SER C 70 3.12 7.42 15.36
CA SER C 70 4.17 6.98 16.27
C SER C 70 5.34 7.97 16.38
N ASN C 71 5.26 9.14 15.78
CA ASN C 71 6.31 10.14 15.91
C ASN C 71 5.76 11.50 15.49
N LEU C 72 6.55 12.54 15.75
CA LEU C 72 6.10 13.90 15.45
C LEU C 72 5.70 14.06 13.99
N MET C 73 6.49 13.51 13.06
CA MET C 73 6.25 13.69 11.63
C MET C 73 4.92 13.05 11.21
N GLU C 74 4.63 11.83 11.67
CA GLU C 74 3.35 11.25 11.29
C GLU C 74 2.19 11.98 11.96
N HIS C 75 2.38 12.44 13.20
CA HIS C 75 1.37 13.25 13.86
C HIS C 75 1.01 14.48 13.01
N THR C 76 2.00 15.08 12.34
CA THR C 76 1.75 16.27 11.55
C THR C 76 1.10 15.93 10.23
N GLU C 77 1.36 14.75 9.70
CA GLU C 77 0.61 14.30 8.53
C GLU C 77 -0.85 14.13 8.88
N ILE C 78 -1.15 13.60 10.07
CA ILE C 78 -2.54 13.34 10.41
C ILE C 78 -3.28 14.66 10.58
N ASP C 79 -2.64 15.67 11.18
CA ASP C 79 -3.25 16.98 11.24
C ASP C 79 -3.53 17.53 9.83
N HIS C 80 -2.58 17.38 8.92
CA HIS C 80 -2.80 17.81 7.54
C HIS C 80 -4.07 17.20 6.97
N TRP C 81 -4.32 15.92 7.24
CA TRP C 81 -5.49 15.28 6.62
C TRP C 81 -6.78 15.65 7.32
N LEU C 82 -6.73 15.86 8.63
CA LEU C 82 -7.92 16.27 9.37
C LEU C 82 -8.45 17.60 8.83
N GLU C 83 -7.55 18.57 8.62
CA GLU C 83 -7.95 19.82 7.98
C GLU C 83 -8.36 19.58 6.54
N PHE C 84 -7.72 18.63 5.90
CA PHE C 84 -8.00 18.39 4.52
C PHE C 84 -9.41 17.96 4.43
N SER C 85 -9.81 17.11 5.35
CA SER C 85 -11.14 16.58 5.40
C SER C 85 -12.15 17.62 5.72
N ALA C 86 -11.85 18.41 6.73
CA ALA C 86 -12.78 19.42 7.17
C ALA C 86 -13.03 20.51 6.19
N THR C 87 -12.10 20.75 5.29
CA THR C 87 -12.28 21.80 4.31
C THR C 87 -12.48 21.37 2.87
N LYS C 88 -11.41 21.25 2.11
CA LYS C 88 -11.47 20.88 0.71
C LYS C 88 -12.39 19.74 0.34
N LEU C 89 -12.44 18.71 1.14
CA LEU C 89 -13.19 17.50 0.80
C LEU C 89 -14.64 17.56 1.22
N SER C 90 -15.02 18.48 2.10
CA SER C 90 -16.43 18.63 2.43
C SER C 90 -17.14 19.38 1.31
N SER C 91 -16.55 20.48 0.88
CA SER C 91 -17.04 21.26 -0.24
C SER C 91 -17.20 20.38 -1.48
N SER C 92 -18.10 20.81 -2.37
CA SER C 92 -18.15 20.30 -3.75
C SER C 92 -17.69 21.38 -4.75
N ASP C 93 -17.24 22.53 -4.25
CA ASP C 93 -16.25 23.33 -4.97
C ASP C 93 -15.05 22.45 -5.33
N SER C 94 -14.53 22.63 -6.56
CA SER C 94 -13.30 22.02 -7.07
C SER C 94 -13.03 20.57 -6.61
N PHE C 95 -14.09 19.74 -6.54
CA PHE C 95 -13.94 18.35 -6.12
C PHE C 95 -13.04 17.57 -7.07
N THR C 96 -13.25 17.75 -8.38
CA THR C 96 -12.38 17.11 -9.36
C THR C 96 -10.91 17.25 -8.97
N SER C 97 -10.42 18.49 -8.82
CA SER C 97 -9.02 18.67 -8.49
C SER C 97 -8.70 18.04 -7.13
N THR C 98 -9.61 18.14 -6.17
CA THR C 98 -9.36 17.67 -4.82
C THR C 98 -9.35 16.13 -4.70
N ILE C 99 -10.14 15.43 -5.51
CA ILE C 99 -10.07 13.98 -5.44
C ILE C 99 -8.79 13.47 -6.13
N ASN C 100 -8.22 14.25 -7.06
CA ASN C 100 -6.98 13.78 -7.68
C ASN C 100 -5.78 14.08 -6.81
N GLU C 101 -5.85 15.11 -5.98
CA GLU C 101 -4.87 15.30 -4.91
C GLU C 101 -4.84 14.08 -4.00
N LEU C 102 -6.01 13.59 -3.58
CA LEU C 102 -6.09 12.42 -2.72
C LEU C 102 -5.57 11.18 -3.44
N ASN C 103 -5.98 11.01 -4.71
CA ASN C 103 -5.50 9.88 -5.48
C ASN C 103 -3.99 9.94 -5.65
N HIS C 104 -3.45 11.14 -5.81
CA HIS C 104 -2.01 11.23 -5.96
C HIS C 104 -1.28 10.82 -4.68
N SER C 105 -1.85 11.14 -3.51
CA SER C 105 -1.18 10.79 -2.26
C SER C 105 -1.18 9.29 -2.04
N LEU C 106 -2.34 8.67 -2.26
CA LEU C 106 -2.51 7.25 -1.97
C LEU C 106 -1.89 6.34 -3.00
N SER C 107 -1.28 6.89 -4.06
CA SER C 107 -0.73 6.03 -5.10
C SER C 107 0.42 5.15 -4.57
N LEU C 108 1.10 5.59 -3.51
CA LEU C 108 2.20 4.80 -2.94
C LEU C 108 1.92 4.30 -1.55
N ARG C 109 0.67 4.35 -1.10
CA ARG C 109 0.40 4.14 0.31
C ARG C 109 -0.80 3.20 0.49
N THR C 110 -0.75 2.40 1.55
CA THR C 110 -1.87 1.54 1.87
C THR C 110 -2.83 2.25 2.80
N TYR C 111 -2.31 2.90 3.84
CA TYR C 111 -3.06 3.89 4.63
C TYR C 111 -2.45 5.27 4.39
N LEU C 112 -3.16 6.31 4.83
CA LEU C 112 -2.75 7.67 4.50
C LEU C 112 -1.50 8.08 5.24
N VAL C 113 -1.34 7.63 6.48
CA VAL C 113 -0.19 7.98 7.30
C VAL C 113 0.37 6.72 7.93
N GLY C 114 1.66 6.44 7.67
CA GLY C 114 2.31 5.29 8.27
C GLY C 114 1.88 3.98 7.63
N ASN C 115 1.93 2.91 8.43
CA ASN C 115 1.64 1.56 7.96
C ASN C 115 0.46 0.95 8.68
N SER C 116 -0.34 1.75 9.38
CA SER C 116 -1.50 1.30 10.14
C SER C 116 -2.63 2.32 10.00
N LEU C 117 -3.83 1.95 10.45
CA LEU C 117 -4.97 2.86 10.45
C LEU C 117 -4.78 4.03 11.41
N SER C 118 -5.32 5.20 11.02
CA SER C 118 -5.12 6.42 11.78
C SER C 118 -6.35 7.31 11.67
N LEU C 119 -6.35 8.41 12.44
CA LEU C 119 -7.36 9.45 12.28
C LEU C 119 -7.43 9.95 10.85
N ALA C 120 -6.28 10.16 10.21
CA ALA C 120 -6.29 10.58 8.83
C ALA C 120 -7.17 9.67 8.00
N ASP C 121 -7.04 8.37 8.20
CA ASP C 121 -7.85 7.46 7.42
C ASP C 121 -9.31 7.59 7.78
N LEU C 122 -9.62 7.83 9.06
CA LEU C 122 -11.01 7.83 9.51
C LEU C 122 -11.74 9.07 9.02
N SER C 123 -11.15 10.24 9.21
CA SER C 123 -11.90 11.44 8.86
C SER C 123 -12.02 11.59 7.34
N VAL C 124 -10.98 11.22 6.59
CA VAL C 124 -11.04 11.37 5.14
C VAL C 124 -12.05 10.39 4.55
N TRP C 125 -12.02 9.14 5.06
CA TRP C 125 -12.99 8.14 4.62
C TRP C 125 -14.41 8.55 4.97
N ALA C 126 -14.57 9.22 6.11
CA ALA C 126 -15.91 9.51 6.59
C ALA C 126 -16.53 10.63 5.77
N THR C 127 -15.84 11.76 5.70
CA THR C 127 -16.43 12.86 4.96
C THR C 127 -16.55 12.49 3.50
N LEU C 128 -15.63 11.68 2.99
CA LEU C 128 -15.74 11.24 1.62
C LEU C 128 -16.95 10.33 1.42
N LYS C 129 -17.37 9.59 2.45
CA LYS C 129 -18.59 8.79 2.31
C LYS C 129 -19.82 9.67 2.08
N GLY C 130 -20.05 10.65 2.96
CA GLY C 130 -21.19 11.54 2.83
C GLY C 130 -20.99 12.74 1.91
N ASN C 131 -20.14 12.57 0.92
CA ASN C 131 -19.90 13.58 -0.10
C ASN C 131 -20.61 13.10 -1.37
N ALA C 132 -21.69 13.80 -1.74
CA ALA C 132 -22.55 13.31 -2.81
C ALA C 132 -21.81 13.21 -4.12
N ALA C 133 -20.83 14.09 -4.33
CA ALA C 133 -20.05 14.08 -5.56
C ALA C 133 -19.22 12.80 -5.69
N TRP C 134 -18.83 12.18 -4.57
CA TRP C 134 -17.98 11.00 -4.64
C TRP C 134 -18.80 9.76 -4.92
N GLN C 135 -19.95 9.62 -4.23
CA GLN C 135 -20.87 8.51 -4.51
C GLN C 135 -21.37 8.53 -5.95
N GLU C 136 -21.52 9.73 -6.53
CA GLU C 136 -21.85 9.86 -7.94
C GLU C 136 -20.77 9.25 -8.83
N GLN C 137 -19.51 9.58 -8.53
CA GLN C 137 -18.39 9.11 -9.35
C GLN C 137 -18.31 7.59 -9.37
N LEU C 138 -18.73 6.95 -8.28
CA LEU C 138 -18.81 5.50 -8.24
C LEU C 138 -19.94 5.00 -9.14
N LYS C 139 -21.14 5.56 -9.00
CA LYS C 139 -22.30 5.17 -9.81
C LYS C 139 -22.03 5.39 -11.29
N GLN C 140 -20.84 5.90 -11.64
CA GLN C 140 -20.45 6.10 -13.02
C GLN C 140 -19.10 5.46 -13.35
N LYS C 141 -18.55 4.67 -12.43
CA LYS C 141 -17.35 3.89 -12.67
C LYS C 141 -16.14 4.75 -13.04
N LYS C 142 -16.06 5.96 -12.48
CA LYS C 142 -15.04 6.93 -12.85
C LYS C 142 -14.22 7.40 -11.65
N ALA C 143 -14.18 6.62 -10.57
CA ALA C 143 -13.34 6.98 -9.45
C ALA C 143 -11.86 6.91 -9.85
N PRO C 144 -11.01 7.74 -9.25
CA PRO C 144 -9.56 7.51 -9.37
C PRO C 144 -9.12 6.22 -8.68
N VAL C 145 -8.24 5.48 -9.37
CA VAL C 145 -8.09 4.05 -9.06
C VAL C 145 -7.54 3.82 -7.67
N HIS C 146 -6.67 4.73 -7.18
CA HIS C 146 -6.06 4.51 -5.87
C HIS C 146 -7.00 4.88 -4.72
N VAL C 147 -7.69 6.03 -4.81
CA VAL C 147 -8.66 6.35 -3.76
C VAL C 147 -9.77 5.33 -3.76
N LYS C 148 -10.18 4.86 -4.93
CA LYS C 148 -11.16 3.79 -5.00
C LYS C 148 -10.63 2.51 -4.34
N ARG C 149 -9.39 2.15 -4.67
CA ARG C 149 -8.76 1.01 -4.01
C ARG C 149 -8.76 1.16 -2.50
N TRP C 150 -8.22 2.29 -2.01
CA TRP C 150 -8.14 2.54 -0.57
C TRP C 150 -9.51 2.60 0.07
N PHE C 151 -10.42 3.38 -0.52
CA PHE C 151 -11.76 3.51 0.02
C PHE C 151 -12.44 2.14 0.16
N GLY C 152 -12.37 1.32 -0.90
CA GLY C 152 -13.05 0.03 -0.88
C GLY C 152 -12.45 -0.92 0.13
N PHE C 153 -11.15 -0.77 0.42
CA PHE C 153 -10.47 -1.61 1.40
C PHE C 153 -10.93 -1.29 2.82
N LEU C 154 -11.01 0.01 3.17
CA LEU C 154 -11.49 0.39 4.49
C LEU C 154 -12.98 0.11 4.64
N GLU C 155 -13.75 0.39 3.58
CA GLU C 155 -15.16 0.03 3.58
C GLU C 155 -15.40 -1.42 3.98
N ALA C 156 -14.42 -2.30 3.72
CA ALA C 156 -14.61 -3.75 3.84
C ALA C 156 -14.28 -4.31 5.20
N GLN C 157 -13.60 -3.58 6.08
CA GLN C 157 -13.25 -4.18 7.36
C GLN C 157 -14.35 -3.93 8.40
N GLN C 158 -14.46 -4.86 9.37
CA GLN C 158 -15.70 -5.01 10.14
C GLN C 158 -16.10 -3.72 10.85
N ALA C 159 -15.14 -2.97 11.38
CA ALA C 159 -15.48 -1.74 12.09
C ALA C 159 -16.25 -0.78 11.20
N PHE C 160 -15.79 -0.61 9.96
CA PHE C 160 -16.50 0.26 9.01
C PHE C 160 -17.86 -0.33 8.64
N GLN C 161 -17.95 -1.65 8.56
CA GLN C 161 -19.22 -2.27 8.20
C GLN C 161 -20.27 -2.03 9.26
N SER C 162 -19.89 -2.15 10.54
CA SER C 162 -20.91 -2.03 11.57
C SER C 162 -21.31 -0.59 11.81
N VAL C 163 -20.37 0.36 11.70
CA VAL C 163 -20.73 1.76 11.92
C VAL C 163 -21.63 2.28 10.80
N GLY C 164 -21.41 1.80 9.57
CA GLY C 164 -22.21 2.20 8.42
C GLY C 164 -23.51 1.44 8.21
N THR C 165 -23.80 0.43 9.03
CA THR C 165 -25.18 -0.06 9.10
C THR C 165 -25.95 0.69 10.19
N LYS C 166 -25.37 0.80 11.38
CA LYS C 166 -26.04 1.35 12.55
C LYS C 166 -26.32 2.84 12.44
N TRP C 167 -25.76 3.52 11.44
CA TRP C 167 -25.96 4.96 11.31
C TRP C 167 -25.98 5.38 9.86
N ASP C 168 -26.52 4.52 8.98
CA ASP C 168 -26.60 4.88 7.55
C ASP C 168 -27.34 6.20 7.37
N VAL C 169 -28.57 6.29 7.92
CA VAL C 169 -29.45 7.46 8.00
C VAL C 169 -29.52 8.23 6.67
N SER C 170 -29.36 7.52 5.55
CA SER C 170 -29.21 8.15 4.24
C SER C 170 -30.51 8.03 3.44
N THR C 171 -31.23 9.15 3.31
CA THR C 171 -32.36 9.30 2.38
C THR C 171 -32.30 10.69 1.72
N LEU D 18 20.44 19.40 17.20
CA LEU D 18 21.18 18.25 17.69
C LEU D 18 20.36 17.52 18.77
N ASP D 19 19.38 18.21 19.35
CA ASP D 19 18.46 17.63 20.32
C ASP D 19 17.35 16.81 19.66
N LEU D 20 17.32 16.79 18.33
CA LEU D 20 16.20 16.33 17.53
C LEU D 20 16.42 14.96 16.91
N ASN D 21 17.54 14.29 17.23
CA ASN D 21 17.54 12.84 17.22
C ASN D 21 16.41 12.31 18.10
N SER D 22 16.09 13.04 19.17
CA SER D 22 15.04 12.64 20.09
C SER D 22 13.67 12.64 19.42
N VAL D 23 13.38 13.68 18.63
CA VAL D 23 12.01 13.93 18.18
C VAL D 23 11.88 13.79 16.66
N LEU D 24 12.92 14.14 15.91
CA LEU D 24 12.89 13.98 14.46
C LEU D 24 13.53 12.67 13.99
N GLY D 25 13.68 11.71 14.89
CA GLY D 25 14.11 10.36 14.56
C GLY D 25 15.50 10.20 13.95
N LYS D 26 15.55 10.21 12.63
CA LYS D 26 16.74 9.79 11.91
C LYS D 26 17.90 10.76 12.14
N ASP D 27 19.12 10.29 11.98
CA ASP D 27 20.30 11.14 12.12
C ASP D 27 20.39 12.25 11.09
N TYR D 28 20.00 11.93 9.86
CA TYR D 28 20.35 12.70 8.67
C TYR D 28 21.81 12.53 8.28
N GLY D 29 22.70 12.96 9.16
CA GLY D 29 24.01 13.40 8.73
C GLY D 29 24.08 14.76 8.07
N ALA D 30 23.01 15.54 8.20
CA ALA D 30 22.96 16.90 7.65
C ALA D 30 21.90 17.71 8.39
N LEU D 31 21.80 18.99 8.02
CA LEU D 31 20.79 19.87 8.57
C LEU D 31 19.43 19.52 8.00
N LYS D 32 18.46 19.33 8.89
CA LYS D 32 17.09 19.08 8.46
C LYS D 32 16.48 20.39 7.97
N ASP D 33 16.33 20.55 6.66
CA ASP D 33 15.86 21.80 6.10
C ASP D 33 14.34 21.78 5.97
N ILE D 34 13.69 22.86 6.42
CA ILE D 34 12.24 23.01 6.38
C ILE D 34 11.88 24.01 5.30
N VAL D 35 11.08 23.60 4.34
CA VAL D 35 10.65 24.47 3.27
C VAL D 35 9.22 24.90 3.54
N ILE D 36 8.99 26.21 3.55
CA ILE D 36 7.64 26.77 3.64
C ILE D 36 7.40 27.54 2.36
N ASN D 37 6.40 27.15 1.59
CA ASN D 37 5.94 28.00 0.50
C ASN D 37 4.86 28.89 1.04
N ALA D 38 4.95 30.18 0.77
CA ALA D 38 3.95 31.14 1.20
C ALA D 38 3.65 32.10 0.06
N ASN D 39 2.36 32.27 -0.24
CA ASN D 39 1.92 33.29 -1.18
C ASN D 39 2.18 34.66 -0.58
N PRO D 40 2.85 35.57 -1.29
CA PRO D 40 3.21 36.86 -0.68
C PRO D 40 2.05 37.82 -0.52
N ALA D 41 0.93 37.55 -1.19
CA ALA D 41 -0.31 38.28 -0.91
C ALA D 41 -0.76 38.10 0.54
N SER D 42 -0.46 36.94 1.14
CA SER D 42 -1.01 36.54 2.44
C SER D 42 0.12 35.99 3.31
N PRO D 43 0.95 36.87 3.87
CA PRO D 43 2.15 36.41 4.62
C PRO D 43 1.77 35.84 5.98
N PRO D 44 2.03 34.55 6.22
CA PRO D 44 1.63 33.94 7.52
C PRO D 44 2.52 34.37 8.68
N LEU D 45 2.03 35.34 9.45
CA LEU D 45 2.81 35.94 10.53
C LEU D 45 3.10 34.94 11.64
N SER D 46 2.15 34.02 11.92
CA SER D 46 2.39 33.02 12.95
C SER D 46 3.64 32.18 12.64
N LEU D 47 4.02 32.08 11.38
CA LEU D 47 5.22 31.32 11.06
C LEU D 47 6.49 32.15 11.20
N LEU D 48 6.44 33.45 10.91
CA LEU D 48 7.61 34.30 11.09
C LEU D 48 7.91 34.53 12.57
N VAL D 49 6.86 34.71 13.39
CA VAL D 49 7.04 34.68 14.85
C VAL D 49 7.70 33.37 15.27
N LEU D 50 7.04 32.25 14.95
CA LEU D 50 7.58 30.93 15.25
C LEU D 50 9.02 30.80 14.78
N HIS D 51 9.33 31.34 13.60
CA HIS D 51 10.71 31.33 13.11
C HIS D 51 11.66 31.86 14.18
N ARG D 52 11.39 33.05 14.74
CA ARG D 52 12.36 33.66 15.64
C ARG D 52 12.34 33.01 17.03
N LEU D 53 11.24 32.33 17.40
CA LEU D 53 11.26 31.45 18.56
C LEU D 53 12.27 30.32 18.38
N LEU D 54 12.41 29.83 17.16
CA LEU D 54 13.35 28.75 16.90
C LEU D 54 14.79 29.22 17.01
N CYS D 55 15.07 30.51 16.81
CA CYS D 55 16.44 31.00 16.91
C CYS D 55 16.86 31.27 18.36
N GLU D 56 15.98 31.03 19.34
CA GLU D 56 16.36 31.04 20.74
C GLU D 56 16.65 29.66 21.30
N HIS D 57 16.34 28.60 20.55
CA HIS D 57 16.57 27.23 21.00
C HIS D 57 17.43 26.42 20.04
N PHE D 58 17.67 26.91 18.82
CA PHE D 58 18.44 26.15 17.84
C PHE D 58 19.24 27.12 16.98
N ARG D 59 20.32 26.61 16.40
CA ARG D 59 21.06 27.29 15.36
C ARG D 59 20.35 27.08 14.03
N VAL D 60 19.66 28.12 13.55
CA VAL D 60 18.81 28.04 12.37
C VAL D 60 19.43 28.89 11.27
N LEU D 61 19.85 28.26 10.17
CA LEU D 61 20.20 29.02 8.97
C LEU D 61 18.92 29.31 8.20
N SER D 62 18.65 30.57 7.96
CA SER D 62 17.39 30.99 7.38
C SER D 62 17.63 31.64 6.03
N THR D 63 16.84 31.23 5.02
CA THR D 63 16.96 31.75 3.66
C THR D 63 15.59 32.15 3.12
N VAL D 64 15.54 33.26 2.39
CA VAL D 64 14.34 33.69 1.66
C VAL D 64 14.60 33.50 0.16
N HIS D 65 13.57 33.07 -0.56
CA HIS D 65 13.62 32.82 -2.00
C HIS D 65 12.32 33.33 -2.61
N THR D 66 12.37 33.75 -3.87
CA THR D 66 11.18 34.04 -4.66
C THR D 66 11.03 32.99 -5.75
N HIS D 67 9.94 32.25 -5.71
CA HIS D 67 9.69 31.26 -6.76
C HIS D 67 9.40 31.95 -8.09
N SER D 68 9.82 31.29 -9.17
CA SER D 68 9.62 31.85 -10.51
C SER D 68 8.16 32.14 -10.84
N SER D 69 7.22 31.67 -10.02
CA SER D 69 5.79 31.78 -10.29
C SER D 69 5.18 33.10 -9.81
N VAL D 70 5.92 33.92 -9.07
CA VAL D 70 5.50 35.24 -8.66
C VAL D 70 6.51 36.23 -9.23
N LYS D 71 6.02 37.38 -9.68
CA LYS D 71 6.91 38.34 -10.34
C LYS D 71 7.48 39.36 -9.34
N SER D 72 6.61 40.05 -8.61
CA SER D 72 7.09 41.01 -7.62
C SER D 72 6.77 40.54 -6.21
N VAL D 73 7.59 40.97 -5.26
CA VAL D 73 7.25 40.91 -3.83
C VAL D 73 7.61 42.27 -3.25
N PRO D 74 6.88 42.77 -2.26
CA PRO D 74 7.36 43.94 -1.51
C PRO D 74 8.75 43.70 -0.95
N GLU D 75 9.61 44.70 -1.11
CA GLU D 75 11.07 44.55 -0.96
C GLU D 75 11.52 44.30 0.48
N ASN D 76 10.61 44.29 1.46
CA ASN D 76 11.00 44.03 2.84
C ASN D 76 11.16 42.54 3.10
N LEU D 77 10.28 41.72 2.53
CA LEU D 77 10.26 40.27 2.63
C LEU D 77 11.57 39.59 2.10
N LEU D 78 12.61 40.30 1.68
CA LEU D 78 13.88 39.69 1.27
C LEU D 78 15.03 39.94 2.23
N LYS D 79 15.02 41.04 2.98
CA LYS D 79 16.18 41.43 3.80
C LYS D 79 16.17 40.82 5.19
N CYS D 80 15.00 40.43 5.71
CA CYS D 80 14.83 40.13 7.13
C CYS D 80 15.73 38.98 7.60
N PHE D 81 15.72 37.85 6.88
CA PHE D 81 16.37 36.65 7.41
C PHE D 81 17.89 36.68 7.24
N GLY D 82 18.38 37.39 6.24
CA GLY D 82 19.81 37.59 6.04
C GLY D 82 20.26 38.97 6.49
N LYS D 86 26.21 36.50 10.90
CA LYS D 86 26.05 35.14 10.42
C LYS D 86 27.42 34.48 10.24
N LYS D 87 27.68 33.41 11.01
CA LYS D 87 28.96 32.71 10.95
C LYS D 87 29.13 31.98 9.61
N GLN D 88 28.04 31.35 9.13
CA GLN D 88 27.91 30.63 7.86
C GLN D 88 28.90 29.49 7.65
N PRO D 89 29.03 28.54 8.58
CA PRO D 89 29.71 27.28 8.20
C PRO D 89 28.97 26.56 7.10
N ARG D 90 27.68 26.87 6.93
CA ARG D 90 26.71 26.41 5.93
C ARG D 90 26.31 24.95 6.15
N GLN D 91 26.89 24.26 7.15
CA GLN D 91 26.35 22.99 7.60
C GLN D 91 26.48 22.79 9.12
N ASP D 92 26.77 23.86 9.88
CA ASP D 92 26.84 23.79 11.34
C ASP D 92 25.47 23.67 12.00
N TYR D 93 24.40 24.07 11.31
CA TYR D 93 23.14 24.36 11.95
C TYR D 93 22.34 23.08 12.23
N GLN D 94 21.61 23.09 13.35
CA GLN D 94 20.75 21.96 13.72
C GLN D 94 19.58 21.80 12.76
N LEU D 95 19.05 22.90 12.22
CA LEU D 95 18.00 22.82 11.21
C LEU D 95 18.01 24.08 10.34
N GLY D 96 17.48 23.93 9.13
CA GLY D 96 17.41 25.01 8.17
C GLY D 96 15.97 25.42 7.98
N PHE D 97 15.76 26.72 7.75
CA PHE D 97 14.43 27.31 7.60
C PHE D 97 14.40 28.06 6.29
N THR D 98 13.73 27.52 5.30
CA THR D 98 13.79 28.03 3.95
C THR D 98 12.39 28.53 3.59
N LEU D 99 12.21 29.84 3.59
CA LEU D 99 10.93 30.46 3.21
C LEU D 99 10.97 30.78 1.72
N ILE D 100 10.02 30.22 0.98
CA ILE D 100 9.96 30.39 -0.46
C ILE D 100 8.68 31.13 -0.78
N TRP D 101 8.79 32.26 -1.48
CA TRP D 101 7.61 33.03 -1.87
C TRP D 101 7.11 32.44 -3.18
N LYS D 102 5.95 31.81 -3.13
CA LYS D 102 5.44 31.05 -4.26
C LYS D 102 3.95 31.32 -4.37
N ASN D 103 3.43 31.28 -5.61
CA ASN D 103 2.00 31.46 -5.85
C ASN D 103 1.24 30.20 -5.47
N VAL D 104 0.82 30.10 -4.22
CA VAL D 104 0.15 28.91 -3.71
C VAL D 104 -1.23 29.27 -3.18
N PRO D 105 -2.21 28.37 -3.28
CA PRO D 105 -3.52 28.63 -2.66
C PRO D 105 -3.55 28.40 -1.16
N LYS D 106 -2.46 27.89 -0.58
CA LYS D 106 -2.47 27.54 0.84
C LYS D 106 -1.03 27.31 1.29
N THR D 107 -0.61 28.00 2.35
CA THR D 107 0.73 27.81 2.87
C THR D 107 1.00 26.32 3.09
N GLN D 108 2.16 25.85 2.62
CA GLN D 108 2.52 24.44 2.73
C GLN D 108 3.96 24.30 3.15
N MET D 109 4.22 23.32 4.02
CA MET D 109 5.56 22.94 4.43
C MET D 109 5.94 21.61 3.77
N LYS D 110 7.13 21.56 3.24
CA LYS D 110 7.75 20.34 2.78
C LYS D 110 8.97 20.07 3.61
N PHE D 111 9.07 18.87 4.13
CA PHE D 111 10.16 18.55 5.02
C PHE D 111 10.85 17.24 4.67
N SER D 112 10.26 16.13 5.04
CA SER D 112 10.85 14.82 4.79
C SER D 112 10.22 14.24 3.54
N ILE D 113 10.87 14.49 2.39
CA ILE D 113 10.40 14.03 1.10
C ILE D 113 10.15 12.53 1.05
N GLN D 114 10.84 11.74 1.89
CA GLN D 114 10.72 10.29 1.73
C GLN D 114 9.51 9.72 2.46
N THR D 115 9.19 10.27 3.64
CA THR D 115 8.09 9.76 4.44
C THR D 115 6.87 10.68 4.50
N MET D 116 7.05 12.00 4.57
CA MET D 116 5.95 12.92 4.79
C MET D 116 5.30 13.37 3.49
N CYS D 117 3.98 13.36 3.46
CA CYS D 117 3.32 14.16 2.45
C CYS D 117 3.54 15.64 2.78
N PRO D 118 3.42 16.53 1.80
CA PRO D 118 3.52 17.96 2.12
C PRO D 118 2.34 18.35 2.99
N ILE D 119 2.61 19.25 3.94
CA ILE D 119 1.66 19.61 4.97
C ILE D 119 1.03 20.93 4.56
N GLU D 120 -0.29 20.95 4.45
CA GLU D 120 -1.05 22.11 4.01
C GLU D 120 -1.77 22.72 5.21
N GLY D 121 -1.53 24.00 5.45
CA GLY D 121 -2.28 24.75 6.43
C GLY D 121 -1.40 25.41 7.46
N GLU D 122 -1.36 26.75 7.44
CA GLU D 122 -0.61 27.53 8.42
C GLU D 122 -0.76 26.96 9.84
N GLY D 123 -1.97 26.52 10.19
CA GLY D 123 -2.17 25.99 11.53
C GLY D 123 -1.43 24.69 11.80
N ASN D 124 -1.50 23.73 10.85
CA ASN D 124 -0.78 22.48 11.05
C ASN D 124 0.73 22.70 10.99
N ILE D 125 1.18 23.71 10.24
CA ILE D 125 2.62 24.00 10.17
C ILE D 125 3.09 24.58 11.50
N ALA D 126 2.36 25.59 12.01
CA ALA D 126 2.64 26.16 13.32
C ALA D 126 2.75 25.08 14.37
N ARG D 127 1.73 24.21 14.44
CA ARG D 127 1.73 23.15 15.43
C ARG D 127 3.04 22.38 15.35
N PHE D 128 3.56 22.19 14.15
CA PHE D 128 4.75 21.38 13.96
C PHE D 128 5.99 22.10 14.44
N LEU D 129 6.22 23.33 13.96
CA LEU D 129 7.38 24.13 14.35
C LEU D 129 7.46 24.35 15.86
N PHE D 130 6.32 24.50 16.54
CA PHE D 130 6.36 24.64 17.99
C PHE D 130 6.80 23.35 18.66
N SER D 131 6.28 22.22 18.19
CA SER D 131 6.61 20.93 18.76
C SER D 131 8.11 20.60 18.71
N LEU D 132 8.92 21.35 17.95
CA LEU D 132 10.36 21.07 17.96
C LEU D 132 10.98 21.44 19.30
N PHE D 133 10.41 22.38 20.03
CA PHE D 133 10.89 22.70 21.36
C PHE D 133 9.85 22.63 22.46
N GLY D 134 8.57 22.67 22.14
CA GLY D 134 7.54 22.83 23.16
C GLY D 134 7.43 21.63 24.09
N GLN D 135 7.00 21.92 25.33
CA GLN D 135 6.68 20.87 26.27
C GLN D 135 5.54 20.01 25.72
N LYS D 136 5.47 18.77 26.20
CA LYS D 136 4.37 17.89 25.86
C LYS D 136 3.27 18.02 26.93
N HIS D 137 2.02 17.79 26.53
CA HIS D 137 0.87 17.99 27.41
C HIS D 137 0.03 16.71 27.45
N ASN D 138 -0.83 16.60 28.47
CA ASN D 138 -1.73 15.45 28.50
C ASN D 138 -2.86 15.60 27.48
N ALA D 139 -3.70 14.57 27.40
CA ALA D 139 -4.68 14.50 26.32
C ALA D 139 -5.66 15.66 26.33
N VAL D 140 -5.89 16.27 27.51
CA VAL D 140 -6.89 17.35 27.58
C VAL D 140 -6.30 18.69 27.14
N ASN D 141 -5.18 19.11 27.73
CA ASN D 141 -4.66 20.43 27.38
C ASN D 141 -4.15 20.47 25.95
N ALA D 142 -3.54 19.38 25.50
CA ALA D 142 -3.04 19.31 24.13
C ALA D 142 -4.17 19.38 23.12
N THR D 143 -5.33 18.79 23.45
CA THR D 143 -6.50 18.94 22.58
C THR D 143 -7.13 20.31 22.73
N LEU D 144 -6.96 20.98 23.87
CA LEU D 144 -7.37 22.38 23.97
C LEU D 144 -6.48 23.25 23.10
N ILE D 145 -5.17 23.08 23.23
CA ILE D 145 -4.24 23.82 22.38
C ILE D 145 -4.61 23.65 20.92
N ASP D 146 -4.82 22.40 20.50
CA ASP D 146 -5.15 22.15 19.10
C ASP D 146 -6.50 22.76 18.72
N SER D 147 -7.41 22.88 19.69
CA SER D 147 -8.73 23.46 19.44
C SER D 147 -8.70 24.99 19.38
N TRP D 148 -7.78 25.62 20.12
CA TRP D 148 -7.59 27.06 19.97
C TRP D 148 -7.16 27.39 18.54
N VAL D 149 -6.02 26.82 18.11
CA VAL D 149 -5.48 27.10 16.77
C VAL D 149 -6.54 26.86 15.71
N ASP D 150 -7.37 25.83 15.89
CA ASP D 150 -8.47 25.62 14.96
C ASP D 150 -9.42 26.83 14.93
N ILE D 151 -9.77 27.39 16.08
CA ILE D 151 -10.77 28.46 16.03
C ILE D 151 -10.13 29.81 15.68
N ALA D 152 -8.83 29.98 15.96
CA ALA D 152 -8.12 31.16 15.48
C ALA D 152 -8.19 31.27 13.96
N ILE D 153 -7.85 30.20 13.25
CA ILE D 153 -7.73 30.28 11.79
C ILE D 153 -9.12 30.32 11.14
N PHE D 154 -10.07 29.53 11.65
CA PHE D 154 -11.33 29.32 10.95
C PHE D 154 -12.56 29.91 11.66
N GLN D 155 -12.38 30.57 12.76
CA GLN D 155 -13.55 31.33 13.17
C GLN D 155 -13.25 32.80 13.32
N LEU D 156 -12.09 33.14 13.89
CA LEU D 156 -11.75 34.53 14.10
C LEU D 156 -11.27 35.20 12.81
N LYS D 157 -10.68 34.45 11.87
CA LYS D 157 -10.07 35.11 10.73
C LYS D 157 -10.98 35.16 9.50
N GLU D 158 -12.01 34.32 9.40
CA GLU D 158 -13.08 34.70 8.47
C GLU D 158 -13.77 35.98 8.95
N GLY D 159 -13.66 36.30 10.24
CA GLY D 159 -13.92 37.62 10.75
C GLY D 159 -15.35 37.96 11.06
N SER D 160 -16.31 37.03 10.82
CA SER D 160 -17.72 37.31 11.06
C SER D 160 -17.90 37.88 12.45
N SER D 161 -18.44 39.11 12.53
CA SER D 161 -18.28 39.93 13.73
C SER D 161 -19.06 39.36 14.91
N LYS D 162 -20.13 38.61 14.63
CA LYS D 162 -20.77 37.81 15.68
C LYS D 162 -19.80 36.76 16.21
N GLU D 163 -19.28 35.92 15.30
CA GLU D 163 -18.31 34.89 15.67
C GLU D 163 -17.04 35.50 16.25
N LYS D 164 -16.61 36.65 15.72
CA LYS D 164 -15.32 37.22 16.11
C LYS D 164 -15.33 37.67 17.56
N ALA D 165 -16.46 38.18 18.05
CA ALA D 165 -16.54 38.54 19.47
C ALA D 165 -16.87 37.31 20.31
N ALA D 166 -17.54 36.31 19.73
CA ALA D 166 -17.75 35.06 20.44
C ALA D 166 -16.43 34.50 20.95
N VAL D 167 -15.39 34.54 20.11
CA VAL D 167 -14.12 33.98 20.52
C VAL D 167 -13.36 34.91 21.47
N PHE D 168 -13.75 36.19 21.57
CA PHE D 168 -13.21 37.06 22.63
C PHE D 168 -13.80 36.74 23.99
N ARG D 169 -15.07 36.32 24.01
CA ARG D 169 -15.65 35.76 25.22
C ARG D 169 -14.79 34.62 25.74
N SER D 170 -14.46 33.66 24.86
CA SER D 170 -13.73 32.47 25.29
C SER D 170 -12.36 32.82 25.87
N MET D 171 -11.68 33.79 25.27
CA MET D 171 -10.33 34.15 25.73
C MET D 171 -10.38 34.81 27.11
N ASN D 172 -11.10 35.94 27.23
CA ASN D 172 -11.15 36.67 28.50
C ASN D 172 -11.56 35.74 29.65
N SER D 173 -12.48 34.81 29.37
CA SER D 173 -12.83 33.82 30.37
C SER D 173 -11.64 32.91 30.68
N ALA D 174 -11.04 32.29 29.66
CA ALA D 174 -9.92 31.40 29.90
C ALA D 174 -8.61 32.14 30.23
N LEU D 175 -8.59 33.47 30.19
CA LEU D 175 -7.38 34.25 30.42
C LEU D 175 -7.28 34.84 31.82
N GLY D 176 -8.34 34.81 32.61
CA GLY D 176 -8.19 35.05 34.04
C GLY D 176 -7.72 33.82 34.78
N LYS D 177 -8.16 32.63 34.35
CA LYS D 177 -7.73 31.38 34.95
C LYS D 177 -6.21 31.23 34.91
N SER D 178 -5.60 31.52 33.76
CA SER D 178 -4.21 31.21 33.46
C SER D 178 -3.50 32.46 32.94
N PRO D 179 -2.18 32.56 33.15
CA PRO D 179 -1.43 33.68 32.54
C PRO D 179 -1.54 33.73 31.03
N TRP D 180 -1.57 32.55 30.38
CA TRP D 180 -1.71 32.36 28.95
C TRP D 180 -3.00 31.61 28.61
N LEU D 181 -3.26 31.44 27.31
CA LEU D 181 -4.50 30.84 26.85
C LEU D 181 -4.71 29.40 27.31
N ALA D 182 -3.67 28.74 27.85
CA ALA D 182 -3.81 27.33 28.20
C ALA D 182 -2.98 26.92 29.42
N GLY D 183 -2.66 27.84 30.34
CA GLY D 183 -1.82 27.53 31.47
C GLY D 183 -0.68 28.54 31.58
N ASN D 184 0.36 28.16 32.34
CA ASN D 184 1.45 29.08 32.66
C ASN D 184 2.55 29.14 31.59
N GLU D 185 2.76 28.07 30.84
CA GLU D 185 3.65 28.22 29.70
C GLU D 185 2.87 28.73 28.47
N LEU D 186 3.63 29.26 27.52
CA LEU D 186 3.11 29.83 26.27
C LEU D 186 3.20 28.79 25.14
N THR D 187 2.08 28.62 24.41
CA THR D 187 1.90 27.55 23.42
C THR D 187 1.58 28.12 22.04
N VAL D 188 1.39 27.24 21.03
CA VAL D 188 0.96 27.73 19.72
C VAL D 188 -0.38 28.45 19.82
N ALA D 189 -1.25 27.98 20.73
CA ALA D 189 -2.54 28.64 20.91
C ALA D 189 -2.37 30.15 21.01
N ASP D 190 -1.34 30.60 21.72
CA ASP D 190 -1.10 32.04 21.85
C ASP D 190 -0.47 32.63 20.59
N VAL D 191 0.52 31.92 20.03
CA VAL D 191 1.26 32.43 18.88
C VAL D 191 0.35 32.52 17.66
N VAL D 192 -0.36 31.44 17.34
CA VAL D 192 -1.32 31.50 16.23
C VAL D 192 -2.30 32.64 16.46
N LEU D 193 -3.02 32.59 17.60
CA LEU D 193 -4.04 33.60 17.91
C LEU D 193 -3.54 35.04 17.84
N TRP D 194 -2.56 35.40 18.62
CA TRP D 194 -2.15 36.76 18.66
C TRP D 194 -1.77 37.17 17.29
N SER D 195 -1.11 36.27 16.61
CA SER D 195 -0.65 36.54 15.27
C SER D 195 -1.79 36.78 14.34
N VAL D 196 -2.83 35.99 14.45
CA VAL D 196 -3.98 36.17 13.60
C VAL D 196 -4.53 37.53 13.94
N LEU D 197 -4.46 37.88 15.20
CA LEU D 197 -5.10 39.08 15.66
C LEU D 197 -4.51 40.27 15.01
N GLN D 198 -3.21 40.26 14.80
CA GLN D 198 -2.61 41.37 14.08
C GLN D 198 -3.21 41.50 12.68
N GLN D 199 -3.40 40.37 12.03
CA GLN D 199 -3.81 40.35 10.67
C GLN D 199 -5.24 40.80 10.57
N ILE D 200 -5.94 40.77 11.69
CA ILE D 200 -7.30 41.23 11.76
C ILE D 200 -7.37 42.70 11.47
N GLY D 201 -6.29 43.39 11.79
CA GLY D 201 -6.28 44.83 11.64
C GLY D 201 -5.75 45.60 12.83
N GLY D 202 -4.91 44.94 13.63
CA GLY D 202 -4.05 45.60 14.60
C GLY D 202 -4.27 45.42 16.11
N CYS D 203 -3.40 46.10 16.85
CA CYS D 203 -3.23 46.09 18.29
C CYS D 203 -4.40 46.79 18.93
N SER D 204 -4.84 47.88 18.31
CA SER D 204 -6.05 48.54 18.76
C SER D 204 -7.20 47.89 18.04
N VAL D 205 -7.98 47.15 18.80
CA VAL D 205 -9.32 46.73 18.40
C VAL D 205 -10.14 46.54 19.68
N THR D 206 -11.33 45.93 19.56
CA THR D 206 -12.20 45.62 20.69
C THR D 206 -11.59 44.55 21.61
N VAL D 207 -11.01 44.95 22.75
CA VAL D 207 -10.34 43.96 23.61
C VAL D 207 -10.84 44.00 25.06
N PRO D 208 -11.47 42.91 25.57
CA PRO D 208 -11.72 42.80 27.02
C PRO D 208 -10.47 42.99 27.86
N ALA D 209 -10.64 43.04 29.19
CA ALA D 209 -9.57 43.52 30.06
C ALA D 209 -8.41 42.54 30.12
N ASN D 210 -8.72 41.23 30.13
CA ASN D 210 -7.68 40.21 30.29
C ASN D 210 -6.90 39.99 29.00
N VAL D 211 -7.63 39.81 27.88
CA VAL D 211 -6.96 39.68 26.58
C VAL D 211 -6.07 40.89 26.32
N GLN D 212 -6.52 42.07 26.73
CA GLN D 212 -5.71 43.28 26.64
C GLN D 212 -4.39 43.10 27.36
N ARG D 213 -4.41 42.53 28.56
CA ARG D 213 -3.18 42.27 29.29
C ARG D 213 -2.33 41.22 28.59
N TRP D 214 -2.99 40.27 27.94
CA TRP D 214 -2.31 39.09 27.41
C TRP D 214 -1.53 39.41 26.14
N MET D 215 -1.98 40.39 25.35
CA MET D 215 -1.16 40.88 24.25
C MET D 215 0.03 41.67 24.75
N ARG D 216 -0.17 42.48 25.78
CA ARG D 216 0.95 43.15 26.44
C ARG D 216 2.05 42.14 26.74
N SER D 217 1.67 41.05 27.40
CA SER D 217 2.61 39.97 27.73
C SER D 217 3.32 39.46 26.46
N CYS D 218 2.55 39.25 25.38
CA CYS D 218 3.12 38.76 24.12
C CYS D 218 4.12 39.76 23.53
N GLU D 219 3.68 40.99 23.24
CA GLU D 219 4.55 41.99 22.62
C GLU D 219 5.84 42.23 23.41
N ASN D 220 5.86 41.91 24.70
CA ASN D 220 7.05 42.14 25.51
C ASN D 220 8.19 41.19 25.14
N LEU D 221 7.87 39.95 24.74
CA LEU D 221 8.90 39.01 24.29
C LEU D 221 9.38 39.34 22.88
N ALA D 222 10.67 39.11 22.65
CA ALA D 222 11.32 39.62 21.44
C ALA D 222 10.82 38.99 20.13
N PRO D 223 10.47 37.69 20.05
CA PRO D 223 10.00 37.15 18.75
C PRO D 223 8.79 37.87 18.20
N PHE D 224 7.75 38.04 19.02
CA PHE D 224 6.60 38.83 18.61
C PHE D 224 7.01 40.27 18.28
N ASN D 225 7.90 40.84 19.11
CA ASN D 225 8.33 42.23 18.94
C ASN D 225 8.93 42.46 17.55
N THR D 226 9.87 41.58 17.14
CA THR D 226 10.53 41.79 15.85
C THR D 226 9.57 41.58 14.68
N ALA D 227 8.72 40.55 14.74
CA ALA D 227 8.07 40.04 13.53
C ALA D 227 7.04 41.01 12.94
N LEU D 228 6.32 41.75 13.80
CA LEU D 228 5.21 42.57 13.29
C LEU D 228 5.70 43.79 12.51
N LYS D 229 6.90 44.30 12.86
CA LYS D 229 7.43 45.47 12.18
C LYS D 229 7.82 45.14 10.74
N LEU D 230 8.31 43.92 10.50
CA LEU D 230 8.85 43.51 9.21
C LEU D 230 7.78 43.14 8.18
N LEU D 231 6.50 43.18 8.57
CA LEU D 231 5.39 42.92 7.64
C LEU D 231 4.71 44.19 7.13
N LYS D 232 4.68 45.27 7.93
CA LYS D 232 4.13 46.55 7.48
C LYS D 232 5.06 47.21 6.46
N LEU D 233 6.33 47.36 6.81
CA LEU D 233 7.27 48.19 6.06
C LEU D 233 8.71 47.86 6.43
N PRO E 356 7.00 26.80 -18.17
CA PRO E 356 7.93 25.81 -18.71
C PRO E 356 8.72 25.03 -17.62
N PHE E 357 9.83 25.61 -17.18
CA PHE E 357 10.63 25.08 -16.09
C PHE E 357 10.65 26.10 -14.96
N LYS E 358 11.04 25.67 -13.78
CA LYS E 358 10.88 26.51 -12.60
C LYS E 358 12.22 26.74 -11.91
N PHE E 359 12.36 27.90 -11.30
CA PHE E 359 13.60 28.24 -10.59
C PHE E 359 13.27 29.18 -9.44
N LEU E 360 14.21 29.31 -8.51
CA LEU E 360 14.14 30.27 -7.43
C LEU E 360 15.11 31.40 -7.70
N GLU E 361 14.67 32.63 -7.43
CA GLU E 361 15.60 33.73 -7.30
C GLU E 361 15.67 34.10 -5.82
N PRO E 362 16.87 34.11 -5.22
CA PRO E 362 18.15 33.76 -5.85
C PRO E 362 18.30 32.24 -6.01
N THR E 363 19.21 31.83 -6.90
CA THR E 363 19.39 30.43 -7.22
C THR E 363 19.57 29.61 -5.95
N LEU E 364 18.88 28.48 -5.87
CA LEU E 364 19.10 27.58 -4.75
C LEU E 364 20.51 27.01 -4.81
N ARG E 365 21.22 27.15 -3.71
CA ARG E 365 22.53 26.56 -3.55
C ARG E 365 22.42 25.51 -2.45
N LEU E 366 22.66 24.25 -2.84
CA LEU E 366 22.72 23.13 -1.93
C LEU E 366 24.17 22.77 -1.67
N GLU E 367 24.41 22.22 -0.48
CA GLU E 367 25.72 21.78 -0.04
C GLU E 367 25.85 20.28 -0.26
N TYR E 368 27.02 19.85 -0.70
CA TYR E 368 27.24 18.43 -0.94
C TYR E 368 26.82 17.59 0.25
N CYS E 369 26.98 18.11 1.46
CA CYS E 369 26.50 17.44 2.65
C CYS E 369 25.00 17.19 2.57
N GLU E 370 24.22 18.26 2.39
CA GLU E 370 22.77 18.10 2.27
C GLU E 370 22.36 17.24 1.08
N ALA E 371 23.20 17.15 0.04
CA ALA E 371 22.82 16.42 -1.17
C ALA E 371 22.99 14.92 -0.99
N LEU E 372 24.11 14.49 -0.41
CA LEU E 372 24.24 13.09 -0.08
C LEU E 372 23.25 12.66 0.98
N ALA E 373 22.85 13.58 1.86
CA ALA E 373 21.81 13.23 2.82
C ALA E 373 20.50 12.89 2.12
N MET E 374 20.18 13.61 1.04
CA MET E 374 18.93 13.33 0.33
C MET E 374 18.99 11.97 -0.34
N LEU E 375 20.14 11.62 -0.92
CA LEU E 375 20.28 10.36 -1.65
C LEU E 375 20.24 9.15 -0.72
N ARG E 376 20.79 9.24 0.49
CA ARG E 376 20.78 8.08 1.40
C ARG E 376 19.37 7.76 1.90
N GLU E 377 18.54 8.80 2.09
CA GLU E 377 17.17 8.63 2.57
C GLU E 377 16.25 8.06 1.51
N ALA E 378 16.58 8.24 0.22
CA ALA E 378 15.97 7.50 -0.87
C ALA E 378 16.55 6.09 -1.03
N GLY E 379 17.48 5.67 -0.17
CA GLY E 379 17.97 4.30 -0.18
C GLY E 379 19.25 4.06 -0.93
N VAL E 380 19.87 5.12 -1.48
CA VAL E 380 21.05 5.03 -2.33
C VAL E 380 22.31 4.97 -1.46
N GLU E 381 23.20 4.03 -1.75
CA GLU E 381 24.45 3.88 -1.01
C GLU E 381 25.59 4.62 -1.73
N MET E 382 26.16 5.63 -1.08
CA MET E 382 27.16 6.48 -1.70
C MET E 382 28.24 6.83 -0.69
N GLY E 383 29.50 6.67 -1.10
CA GLY E 383 30.61 7.10 -0.24
C GLY E 383 30.56 8.59 0.03
N ASP E 384 31.14 8.98 1.16
CA ASP E 384 30.99 10.37 1.60
C ASP E 384 31.72 11.32 0.65
N GLU E 385 32.98 11.00 0.30
CA GLU E 385 33.67 11.78 -0.70
C GLU E 385 33.72 11.07 -2.07
N ASP E 386 32.78 10.15 -2.32
CA ASP E 386 32.48 9.74 -3.69
C ASP E 386 31.94 10.94 -4.47
N ASP E 387 32.16 10.95 -5.78
CA ASP E 387 31.58 11.99 -6.60
C ASP E 387 30.31 11.48 -7.27
N LEU E 388 29.54 12.42 -7.80
CA LEU E 388 28.13 12.18 -8.12
C LEU E 388 28.02 11.49 -9.50
N SER E 389 27.68 10.21 -9.50
CA SER E 389 27.45 9.50 -10.76
C SER E 389 26.25 10.11 -11.48
N THR E 390 26.15 9.81 -12.78
CA THR E 390 25.04 10.39 -13.54
C THR E 390 23.70 9.81 -13.10
N PRO E 391 23.58 8.50 -12.82
CA PRO E 391 22.27 8.00 -12.38
C PRO E 391 21.81 8.66 -11.09
N ASN E 392 22.74 8.95 -10.17
CA ASN E 392 22.42 9.69 -8.96
C ASN E 392 22.18 11.16 -9.21
N GLU E 393 22.90 11.78 -10.14
CA GLU E 393 22.62 13.18 -10.45
C GLU E 393 21.17 13.35 -10.89
N LYS E 394 20.70 12.43 -11.74
CA LYS E 394 19.38 12.61 -12.30
C LYS E 394 18.32 12.46 -11.21
N LEU E 395 18.54 11.53 -10.28
CA LEU E 395 17.63 11.36 -9.16
C LEU E 395 17.68 12.55 -8.22
N LEU E 396 18.86 13.12 -7.99
CA LEU E 396 18.98 14.26 -7.10
C LEU E 396 18.22 15.46 -7.64
N GLY E 397 18.20 15.64 -8.96
CA GLY E 397 17.36 16.68 -9.53
C GLY E 397 15.90 16.39 -9.26
N HIS E 398 15.52 15.12 -9.31
CA HIS E 398 14.14 14.74 -9.05
C HIS E 398 13.77 14.96 -7.60
N LEU E 399 14.68 14.63 -6.69
CA LEU E 399 14.47 14.95 -5.28
C LEU E 399 14.41 16.45 -5.07
N VAL E 400 15.30 17.19 -5.72
CA VAL E 400 15.31 18.64 -5.51
C VAL E 400 14.06 19.30 -6.11
N LYS E 401 13.52 18.78 -7.23
CA LYS E 401 12.31 19.41 -7.74
C LYS E 401 11.11 19.09 -6.84
N GLU E 402 11.17 18.01 -6.05
CA GLU E 402 10.04 17.72 -5.19
C GLU E 402 10.02 18.60 -3.95
N LYS E 403 11.20 18.84 -3.36
CA LYS E 403 11.23 19.60 -2.12
C LYS E 403 11.14 21.13 -2.37
N TYR E 404 11.81 21.65 -3.42
CA TYR E 404 11.93 23.09 -3.62
C TYR E 404 11.12 23.62 -4.79
N ASP E 405 10.66 22.74 -5.70
CA ASP E 405 9.99 23.13 -6.95
C ASP E 405 10.93 23.99 -7.80
N THR E 406 12.22 23.64 -7.81
CA THR E 406 13.16 24.24 -8.75
C THR E 406 13.83 23.19 -9.64
N ASP E 407 14.09 23.59 -10.89
CA ASP E 407 14.85 22.80 -11.85
C ASP E 407 16.25 23.34 -12.07
N PHE E 408 16.66 24.34 -11.28
CA PHE E 408 17.91 25.05 -11.49
C PHE E 408 18.56 25.24 -10.13
N TYR E 409 19.68 24.57 -9.88
CA TYR E 409 20.29 24.67 -8.56
C TYR E 409 21.80 24.52 -8.66
N ILE E 410 22.49 24.98 -7.61
CA ILE E 410 23.93 24.88 -7.49
C ILE E 410 24.28 23.84 -6.43
N LEU E 411 25.44 23.23 -6.57
CA LEU E 411 25.89 22.21 -5.63
C LEU E 411 27.37 22.45 -5.33
N ASP E 412 27.71 22.55 -4.06
CA ASP E 412 29.06 22.97 -3.66
C ASP E 412 29.97 21.81 -3.24
N LYS E 413 31.24 22.16 -3.03
CA LYS E 413 32.25 21.26 -2.46
C LYS E 413 32.36 19.93 -3.21
#